data_1J4G
#
_entry.id   1J4G
#
_cell.length_a   71.56
_cell.length_b   74.40
_cell.length_c   87.56
_cell.angle_alpha   90
_cell.angle_beta   96.96
_cell.angle_gamma   90
#
_symmetry.space_group_name_H-M   'P 1 21 1'
#
loop_
_entity.id
_entity.type
_entity.pdbx_description
1 polymer 'Trichosanthin delta C7'
2 non-polymer 'CALCIUM ION'
3 water water
#
_entity_poly.entity_id   1
_entity_poly.type   'polypeptide(L)'
_entity_poly.pdbx_seq_one_letter_code
;MDVSFRLSGATSSSYGVFISNLRKALPNERKLYDIPLLRSSLPGSQRYALIHLTNYADETISVAIDVTNVYIMGYRAGDT
SYFFNEASATEAAKYVFKDAMRKVTLPYSGNYERLQTAAGKIRENIPLGLPALDSAITTLFYYNANSAASALMVLIQSTS
EAARYKFIEQQIGKRVDKTFLPSLAIISLENSWSALSKQIQIASTNNGQFESPVVLINAQNQRVTITNVDAGVVTSNIAL
LLNRNNMA
;
_entity_poly.pdbx_strand_id   A,B,C,D
#
loop_
_chem_comp.id
_chem_comp.type
_chem_comp.name
_chem_comp.formula
CA non-polymer 'CALCIUM ION' 'Ca 2'
#
# COMPACT_ATOMS: atom_id res chain seq x y z
N MET A 1 -19.44 -12.56 -27.42
CA MET A 1 -18.38 -11.73 -26.82
C MET A 1 -17.56 -12.60 -25.86
N ASP A 2 -16.38 -12.11 -25.47
CA ASP A 2 -15.51 -12.82 -24.54
C ASP A 2 -16.11 -12.51 -23.18
N VAL A 3 -16.66 -13.51 -22.51
CA VAL A 3 -17.28 -13.32 -21.21
C VAL A 3 -16.24 -13.57 -20.12
N SER A 4 -15.81 -12.49 -19.46
CA SER A 4 -14.80 -12.66 -18.43
C SER A 4 -15.12 -11.85 -17.20
N PHE A 5 -14.43 -12.17 -16.13
CA PHE A 5 -14.62 -11.49 -14.87
C PHE A 5 -13.25 -11.38 -14.22
N ARG A 6 -12.90 -10.14 -13.84
CA ARG A 6 -11.62 -9.93 -13.18
C ARG A 6 -11.90 -9.56 -11.72
N LEU A 7 -11.40 -10.36 -10.80
CA LEU A 7 -11.58 -10.06 -9.39
C LEU A 7 -10.74 -8.86 -9.01
N SER A 8 -9.64 -8.65 -9.70
CA SER A 8 -8.77 -7.50 -9.39
C SER A 8 -9.47 -6.29 -9.95
N GLY A 9 -10.03 -5.46 -9.07
CA GLY A 9 -10.80 -4.30 -9.49
C GLY A 9 -12.31 -4.51 -9.47
N ALA A 10 -12.75 -5.67 -9.00
CA ALA A 10 -14.17 -6.03 -8.98
C ALA A 10 -15.05 -5.20 -8.07
N THR A 11 -16.32 -5.06 -8.46
CA THR A 11 -17.30 -4.32 -7.67
C THR A 11 -18.57 -5.13 -7.78
N SER A 12 -19.54 -4.82 -6.93
CA SER A 12 -20.82 -5.56 -7.05
C SER A 12 -21.32 -5.45 -8.49
N SER A 13 -21.21 -4.24 -9.08
CA SER A 13 -21.69 -4.01 -10.45
C SER A 13 -20.93 -4.79 -11.51
N SER A 14 -19.61 -4.89 -11.38
CA SER A 14 -18.89 -5.63 -12.40
C SER A 14 -19.25 -7.13 -12.30
N TYR A 15 -19.56 -7.62 -11.11
CA TYR A 15 -19.96 -9.03 -11.01
C TYR A 15 -21.35 -9.20 -11.67
N GLY A 16 -22.23 -8.22 -11.46
CA GLY A 16 -23.57 -8.27 -12.04
C GLY A 16 -23.51 -8.27 -13.56
N VAL A 17 -22.56 -7.52 -14.10
CA VAL A 17 -22.41 -7.46 -15.56
C VAL A 17 -21.89 -8.80 -16.10
N PHE A 18 -20.94 -9.39 -15.38
CA PHE A 18 -20.38 -10.69 -15.77
C PHE A 18 -21.48 -11.75 -15.82
N ILE A 19 -22.32 -11.75 -14.80
CA ILE A 19 -23.38 -12.76 -14.73
C ILE A 19 -24.42 -12.49 -15.82
N SER A 20 -24.72 -11.20 -16.06
CA SER A 20 -25.67 -10.85 -17.10
C SER A 20 -25.15 -11.33 -18.45
N ASN A 21 -23.87 -11.09 -18.70
CA ASN A 21 -23.18 -11.50 -19.92
C ASN A 21 -23.17 -13.06 -20.06
N LEU A 22 -22.95 -13.77 -18.95
CA LEU A 22 -22.97 -15.22 -18.98
C LEU A 22 -24.36 -15.71 -19.42
N ARG A 23 -25.43 -15.15 -18.83
CA ARG A 23 -26.79 -15.56 -19.21
C ARG A 23 -27.04 -15.30 -20.70
N LYS A 24 -26.57 -14.14 -21.20
CA LYS A 24 -26.72 -13.80 -22.62
C LYS A 24 -25.98 -14.72 -23.60
N ALA A 25 -24.98 -15.45 -23.11
CA ALA A 25 -24.23 -16.36 -23.96
C ALA A 25 -24.98 -17.68 -24.14
N LEU A 26 -26.08 -17.84 -23.39
CA LEU A 26 -26.84 -19.07 -23.47
C LEU A 26 -27.97 -18.94 -24.49
N PRO A 27 -28.01 -19.83 -25.50
CA PRO A 27 -29.09 -19.77 -26.49
C PRO A 27 -30.43 -20.02 -25.78
N ASN A 28 -31.51 -19.44 -26.29
CA ASN A 28 -32.86 -19.59 -25.75
C ASN A 28 -33.74 -20.28 -26.80
N GLU A 29 -34.58 -21.19 -26.36
CA GLU A 29 -35.53 -21.86 -27.25
C GLU A 29 -36.61 -20.77 -27.47
N ARG A 30 -36.90 -20.04 -26.39
CA ARG A 30 -37.87 -18.93 -26.38
C ARG A 30 -37.87 -18.41 -24.94
N LYS A 31 -38.92 -17.69 -24.57
CA LYS A 31 -39.05 -17.20 -23.19
C LYS A 31 -40.42 -17.62 -22.70
N LEU A 32 -40.55 -17.78 -21.38
CA LEU A 32 -41.83 -18.12 -20.77
C LEU A 32 -41.93 -17.17 -19.59
N TYR A 33 -43.03 -16.42 -19.52
CA TYR A 33 -43.23 -15.48 -18.45
C TYR A 33 -42.00 -14.59 -18.28
N ASP A 34 -41.46 -14.12 -19.40
CA ASP A 34 -40.31 -13.23 -19.43
C ASP A 34 -38.97 -13.83 -19.00
N ILE A 35 -38.95 -15.15 -18.87
CA ILE A 35 -37.74 -15.86 -18.44
C ILE A 35 -37.20 -16.76 -19.58
N PRO A 36 -35.91 -16.67 -19.91
CA PRO A 36 -35.37 -17.51 -20.99
C PRO A 36 -35.52 -19.01 -20.72
N LEU A 37 -35.96 -19.77 -21.72
CA LEU A 37 -36.10 -21.22 -21.61
C LEU A 37 -34.88 -21.77 -22.35
N LEU A 38 -34.03 -22.52 -21.66
CA LEU A 38 -32.85 -23.03 -22.31
C LEU A 38 -33.19 -24.06 -23.39
N ARG A 39 -32.33 -24.21 -24.39
CA ARG A 39 -32.52 -25.22 -25.44
C ARG A 39 -32.39 -26.56 -24.73
N SER A 40 -33.35 -27.46 -24.93
CA SER A 40 -33.31 -28.80 -24.31
C SER A 40 -32.26 -29.71 -24.95
N SER A 41 -31.93 -29.44 -26.21
CA SER A 41 -30.91 -30.22 -26.91
C SER A 41 -30.22 -29.44 -27.99
N LEU A 42 -28.91 -29.63 -28.05
CA LEU A 42 -28.08 -28.98 -29.05
C LEU A 42 -26.98 -29.92 -29.49
N PRO A 43 -26.54 -29.77 -30.73
CA PRO A 43 -25.47 -30.58 -31.31
C PRO A 43 -24.19 -30.06 -30.65
N GLY A 44 -23.24 -30.96 -30.42
CA GLY A 44 -22.02 -30.56 -29.75
C GLY A 44 -21.38 -29.24 -30.13
N SER A 45 -21.33 -28.93 -31.41
CA SER A 45 -20.67 -27.71 -31.83
C SER A 45 -21.35 -26.42 -31.34
N GLN A 46 -22.59 -26.52 -30.87
CA GLN A 46 -23.28 -25.30 -30.43
C GLN A 46 -23.63 -25.38 -28.97
N ARG A 47 -23.28 -26.50 -28.35
CA ARG A 47 -23.67 -26.77 -26.98
C ARG A 47 -22.87 -26.25 -25.79
N TYR A 48 -21.61 -25.87 -26.02
CA TYR A 48 -20.76 -25.41 -24.93
C TYR A 48 -20.25 -23.98 -25.06
N ALA A 49 -20.18 -23.29 -23.93
CA ALA A 49 -19.73 -21.91 -23.86
C ALA A 49 -18.59 -21.79 -22.85
N LEU A 50 -17.74 -20.79 -23.05
CA LEU A 50 -16.63 -20.56 -22.13
C LEU A 50 -16.78 -19.21 -21.42
N ILE A 51 -16.26 -19.12 -20.20
CA ILE A 51 -16.22 -17.88 -19.42
C ILE A 51 -14.82 -17.93 -18.82
N HIS A 52 -14.22 -16.77 -18.60
CA HIS A 52 -12.87 -16.72 -18.06
C HIS A 52 -12.85 -15.92 -16.77
N LEU A 53 -12.14 -16.45 -15.78
CA LEU A 53 -12.04 -15.81 -14.49
C LEU A 53 -10.61 -15.63 -14.04
N THR A 54 -10.29 -14.41 -13.59
CA THR A 54 -8.97 -14.03 -13.11
C THR A 54 -9.04 -13.63 -11.62
N ASN A 55 -8.18 -14.25 -10.80
CA ASN A 55 -8.17 -13.94 -9.38
C ASN A 55 -7.40 -12.62 -9.12
N TYR A 56 -7.25 -12.23 -7.84
CA TYR A 56 -6.56 -10.98 -7.55
C TYR A 56 -5.12 -10.99 -8.07
N ALA A 57 -4.49 -12.15 -8.11
CA ALA A 57 -3.10 -12.21 -8.56
C ALA A 57 -2.89 -12.40 -10.06
N ASP A 58 -3.92 -12.11 -10.84
CA ASP A 58 -3.91 -12.22 -12.27
C ASP A 58 -3.65 -13.60 -12.83
N GLU A 59 -4.16 -14.61 -12.13
CA GLU A 59 -4.08 -16.00 -12.55
C GLU A 59 -5.48 -16.33 -13.10
N THR A 60 -5.55 -16.94 -14.26
CA THR A 60 -6.83 -17.18 -14.90
C THR A 60 -7.26 -18.60 -15.10
N ILE A 61 -8.53 -18.91 -14.83
CA ILE A 61 -9.01 -20.24 -15.19
C ILE A 61 -10.14 -19.99 -16.20
N SER A 62 -10.21 -20.85 -17.22
CA SER A 62 -11.28 -20.75 -18.22
C SER A 62 -12.28 -21.88 -17.84
N VAL A 63 -13.58 -21.58 -17.89
CA VAL A 63 -14.61 -22.55 -17.49
C VAL A 63 -15.58 -22.92 -18.64
N ALA A 64 -15.81 -24.21 -18.83
CA ALA A 64 -16.69 -24.75 -19.86
C ALA A 64 -18.11 -24.99 -19.28
N ILE A 65 -19.13 -24.45 -19.94
CA ILE A 65 -20.52 -24.58 -19.49
C ILE A 65 -21.42 -25.30 -20.53
N ASP A 66 -22.29 -26.21 -20.07
CA ASP A 66 -23.22 -26.89 -20.97
C ASP A 66 -24.41 -25.90 -21.07
N VAL A 67 -24.64 -25.29 -22.23
CA VAL A 67 -25.72 -24.30 -22.35
C VAL A 67 -27.13 -24.79 -22.23
N THR A 68 -27.31 -26.11 -22.27
CA THR A 68 -28.63 -26.68 -22.12
C THR A 68 -29.16 -26.60 -20.67
N ASN A 69 -28.26 -26.52 -19.69
CA ASN A 69 -28.70 -26.53 -18.30
C ASN A 69 -27.78 -25.77 -17.35
N VAL A 70 -26.85 -24.99 -17.93
CA VAL A 70 -25.88 -24.19 -17.16
C VAL A 70 -24.91 -25.01 -16.30
N TYR A 71 -24.86 -26.33 -16.48
CA TYR A 71 -23.93 -27.14 -15.68
C TYR A 71 -22.47 -26.86 -16.08
N ILE A 72 -21.58 -26.84 -15.12
CA ILE A 72 -20.18 -26.66 -15.39
C ILE A 72 -19.63 -28.04 -15.79
N MET A 73 -18.88 -28.10 -16.89
CA MET A 73 -18.33 -29.37 -17.41
C MET A 73 -16.87 -29.60 -17.04
N GLY A 74 -16.11 -28.51 -16.93
CA GLY A 74 -14.70 -28.63 -16.60
C GLY A 74 -14.06 -27.27 -16.69
N TYR A 75 -12.75 -27.20 -16.43
CA TYR A 75 -12.05 -25.92 -16.52
C TYR A 75 -10.64 -26.12 -17.07
N ARG A 76 -9.99 -25.04 -17.40
CA ARG A 76 -8.64 -25.10 -17.91
C ARG A 76 -7.80 -24.10 -17.12
N ALA A 77 -6.60 -24.52 -16.73
CA ALA A 77 -5.65 -23.66 -16.01
C ALA A 77 -4.36 -23.84 -16.80
N GLY A 78 -3.89 -22.76 -17.43
CA GLY A 78 -2.67 -22.86 -18.21
C GLY A 78 -2.79 -23.88 -19.34
N ASP A 79 -1.93 -24.89 -19.37
CA ASP A 79 -1.96 -25.90 -20.43
C ASP A 79 -2.63 -27.21 -20.06
N THR A 80 -3.39 -27.21 -18.99
CA THR A 80 -4.04 -28.43 -18.61
C THR A 80 -5.56 -28.28 -18.51
N SER A 81 -6.30 -29.26 -19.01
CA SER A 81 -7.76 -29.24 -18.91
C SER A 81 -8.17 -30.24 -17.82
N TYR A 82 -9.32 -29.99 -17.22
CA TYR A 82 -9.85 -30.84 -16.15
C TYR A 82 -11.33 -30.96 -16.44
N PHE A 83 -11.84 -32.16 -16.71
CA PHE A 83 -13.28 -32.32 -16.94
C PHE A 83 -13.91 -33.24 -15.91
N PHE A 84 -15.19 -33.04 -15.62
CA PHE A 84 -15.85 -33.91 -14.66
C PHE A 84 -16.01 -35.29 -15.24
N ASN A 85 -16.01 -36.28 -14.35
CA ASN A 85 -16.15 -37.66 -14.81
C ASN A 85 -17.62 -37.95 -15.05
N GLU A 86 -18.15 -37.48 -16.16
CA GLU A 86 -19.57 -37.71 -16.43
C GLU A 86 -19.74 -37.61 -17.93
N ALA A 87 -20.76 -38.26 -18.46
CA ALA A 87 -20.99 -38.25 -19.89
C ALA A 87 -21.02 -36.89 -20.57
N SER A 88 -21.78 -35.92 -20.03
CA SER A 88 -21.83 -34.62 -20.69
C SER A 88 -20.46 -33.94 -20.80
N ALA A 89 -19.62 -34.09 -19.77
CA ALA A 89 -18.28 -33.51 -19.75
C ALA A 89 -17.34 -34.17 -20.75
N THR A 90 -17.47 -35.49 -20.95
CA THR A 90 -16.64 -36.18 -21.93
C THR A 90 -16.95 -35.61 -23.32
N GLU A 91 -18.23 -35.35 -23.57
CA GLU A 91 -18.59 -34.75 -24.84
C GLU A 91 -18.02 -33.33 -24.92
N ALA A 92 -18.12 -32.60 -23.80
CA ALA A 92 -17.61 -31.22 -23.81
C ALA A 92 -16.15 -31.17 -24.25
N ALA A 93 -15.35 -32.12 -23.77
CA ALA A 93 -13.92 -32.19 -24.09
C ALA A 93 -13.66 -32.39 -25.58
N LYS A 94 -14.67 -32.79 -26.33
CA LYS A 94 -14.48 -32.98 -27.76
C LYS A 94 -14.66 -31.63 -28.47
N TYR A 95 -15.24 -30.67 -27.76
CA TYR A 95 -15.49 -29.37 -28.38
C TYR A 95 -14.80 -28.15 -27.82
N VAL A 96 -14.28 -28.24 -26.59
CA VAL A 96 -13.60 -27.08 -26.01
C VAL A 96 -12.24 -27.50 -25.41
N PHE A 97 -11.32 -26.55 -25.27
CA PHE A 97 -9.96 -26.82 -24.75
C PHE A 97 -9.25 -27.95 -25.49
N LYS A 98 -9.62 -28.16 -26.74
CA LYS A 98 -9.04 -29.25 -27.48
C LYS A 98 -7.54 -29.21 -27.64
N ASP A 99 -6.95 -28.02 -27.51
CA ASP A 99 -5.50 -27.87 -27.66
C ASP A 99 -4.71 -27.83 -26.37
N ALA A 100 -5.33 -28.24 -25.27
CA ALA A 100 -4.63 -28.28 -23.99
C ALA A 100 -3.50 -29.29 -24.14
N MET A 101 -2.32 -28.94 -23.64
CA MET A 101 -1.17 -29.83 -23.71
C MET A 101 -1.34 -31.08 -22.84
N ARG A 102 -2.03 -30.95 -21.70
CA ARG A 102 -2.29 -32.09 -20.81
C ARG A 102 -3.78 -32.10 -20.47
N LYS A 103 -4.34 -33.27 -20.20
CA LYS A 103 -5.77 -33.37 -19.88
C LYS A 103 -5.98 -34.29 -18.70
N VAL A 104 -6.86 -33.92 -17.79
CA VAL A 104 -7.11 -34.80 -16.67
C VAL A 104 -8.59 -34.94 -16.44
N THR A 105 -8.99 -36.15 -16.05
CA THR A 105 -10.39 -36.42 -15.77
C THR A 105 -10.61 -36.42 -14.26
N LEU A 106 -11.32 -35.41 -13.76
CA LEU A 106 -11.54 -35.33 -12.31
C LEU A 106 -12.14 -36.62 -11.78
N PRO A 107 -11.78 -36.97 -10.53
CA PRO A 107 -12.27 -38.19 -9.92
C PRO A 107 -13.78 -38.32 -9.69
N TYR A 108 -14.55 -37.26 -9.94
CA TYR A 108 -16.00 -37.32 -9.69
C TYR A 108 -16.85 -36.55 -10.70
N SER A 109 -18.17 -36.71 -10.64
CA SER A 109 -19.03 -35.96 -11.55
C SER A 109 -19.27 -34.60 -10.91
N GLY A 110 -19.91 -33.71 -11.64
CA GLY A 110 -20.18 -32.38 -11.12
C GLY A 110 -21.38 -32.25 -10.24
N ASN A 111 -21.91 -33.35 -9.74
CA ASN A 111 -23.09 -33.23 -8.90
C ASN A 111 -22.71 -32.92 -7.44
N TYR A 112 -23.54 -32.12 -6.76
CA TYR A 112 -23.24 -31.75 -5.38
C TYR A 112 -23.08 -32.93 -4.46
N GLU A 113 -23.85 -33.99 -4.66
CA GLU A 113 -23.71 -35.17 -3.79
C GLU A 113 -22.27 -35.73 -3.87
N ARG A 114 -21.76 -35.84 -5.09
CA ARG A 114 -20.43 -36.38 -5.29
C ARG A 114 -19.35 -35.41 -4.82
N LEU A 115 -19.52 -34.13 -5.12
CA LEU A 115 -18.55 -33.13 -4.72
C LEU A 115 -18.52 -32.96 -3.21
N GLN A 116 -19.68 -32.99 -2.55
CA GLN A 116 -19.70 -32.81 -1.10
C GLN A 116 -18.99 -33.99 -0.43
N THR A 117 -19.21 -35.19 -0.94
CA THR A 117 -18.57 -36.38 -0.40
C THR A 117 -17.07 -36.26 -0.63
N ALA A 118 -16.68 -35.85 -1.84
CA ALA A 118 -15.25 -35.74 -2.15
C ALA A 118 -14.59 -34.68 -1.27
N ALA A 119 -15.30 -33.57 -1.04
CA ALA A 119 -14.80 -32.49 -0.21
C ALA A 119 -14.89 -32.71 1.32
N GLY A 120 -15.73 -33.62 1.77
CA GLY A 120 -15.86 -33.85 3.20
C GLY A 120 -16.63 -32.72 3.87
N LYS A 121 -17.38 -31.94 3.08
CA LYS A 121 -18.14 -30.79 3.58
C LYS A 121 -19.40 -30.56 2.74
N ILE A 122 -20.42 -29.94 3.32
CA ILE A 122 -21.63 -29.66 2.54
C ILE A 122 -21.64 -28.17 2.21
N ARG A 123 -22.31 -27.79 1.12
CA ARG A 123 -22.37 -26.39 0.70
C ARG A 123 -22.67 -25.41 1.84
N GLU A 124 -23.61 -25.77 2.70
CA GLU A 124 -23.98 -24.91 3.82
C GLU A 124 -22.79 -24.37 4.58
N ASN A 125 -21.69 -25.13 4.63
CA ASN A 125 -20.54 -24.71 5.42
C ASN A 125 -19.33 -24.24 4.62
N ILE A 126 -19.54 -23.83 3.38
CA ILE A 126 -18.44 -23.37 2.52
C ILE A 126 -18.73 -21.94 2.10
N PRO A 127 -17.94 -20.99 2.62
CA PRO A 127 -18.07 -19.57 2.33
C PRO A 127 -18.06 -19.27 0.85
N LEU A 128 -18.92 -18.31 0.50
CA LEU A 128 -19.07 -17.80 -0.87
C LEU A 128 -18.77 -16.30 -0.78
N GLY A 129 -18.84 -15.61 -1.89
CA GLY A 129 -18.50 -14.19 -1.88
C GLY A 129 -17.32 -14.04 -2.83
N LEU A 130 -17.00 -12.82 -3.19
CA LEU A 130 -15.93 -12.61 -4.13
C LEU A 130 -14.54 -13.06 -3.66
N PRO A 131 -14.19 -12.84 -2.37
CA PRO A 131 -12.90 -13.26 -1.83
C PRO A 131 -12.84 -14.80 -1.86
N ALA A 132 -14.00 -15.45 -1.72
CA ALA A 132 -14.09 -16.92 -1.72
C ALA A 132 -13.80 -17.45 -3.11
N LEU A 133 -14.30 -16.72 -4.12
CA LEU A 133 -14.09 -17.09 -5.52
C LEU A 133 -12.60 -16.89 -5.90
N ASP A 134 -11.99 -15.81 -5.41
CA ASP A 134 -10.55 -15.59 -5.68
C ASP A 134 -9.74 -16.79 -5.19
N SER A 135 -10.05 -17.26 -3.99
CA SER A 135 -9.31 -18.37 -3.40
C SER A 135 -9.59 -19.70 -4.13
N ALA A 136 -10.82 -19.86 -4.63
CA ALA A 136 -11.17 -21.08 -5.32
C ALA A 136 -10.37 -21.14 -6.63
N ILE A 137 -10.26 -19.99 -7.29
CA ILE A 137 -9.53 -19.90 -8.53
C ILE A 137 -8.07 -20.24 -8.28
N THR A 138 -7.49 -19.66 -7.23
CA THR A 138 -6.08 -19.96 -6.91
C THR A 138 -5.93 -21.46 -6.65
N THR A 139 -6.85 -22.00 -5.88
CA THR A 139 -6.83 -23.41 -5.56
C THR A 139 -6.96 -24.31 -6.81
N LEU A 140 -7.79 -23.89 -7.76
CA LEU A 140 -7.99 -24.68 -8.99
C LEU A 140 -6.90 -24.47 -10.02
N PHE A 141 -6.28 -23.29 -10.03
CA PHE A 141 -5.21 -22.96 -10.95
C PHE A 141 -3.97 -23.80 -10.61
N TYR A 142 -3.79 -24.10 -9.32
CA TYR A 142 -2.65 -24.96 -8.88
C TYR A 142 -3.30 -26.27 -8.39
N TYR A 143 -3.97 -26.94 -9.30
CA TYR A 143 -4.72 -28.16 -9.01
C TYR A 143 -4.14 -29.14 -8.05
N ASN A 144 -4.95 -29.51 -7.05
CA ASN A 144 -4.54 -30.56 -6.12
C ASN A 144 -5.81 -31.40 -5.88
N ALA A 145 -5.71 -32.70 -6.14
CA ALA A 145 -6.87 -33.58 -6.00
C ALA A 145 -7.57 -33.47 -4.64
N ASN A 146 -6.83 -33.14 -3.61
CA ASN A 146 -7.45 -33.09 -2.29
C ASN A 146 -8.22 -31.83 -1.99
N SER A 147 -7.97 -30.77 -2.76
CA SER A 147 -8.64 -29.53 -2.49
C SER A 147 -9.59 -29.04 -3.60
N ALA A 148 -9.60 -29.71 -4.75
CA ALA A 148 -10.43 -29.27 -5.88
C ALA A 148 -11.95 -29.31 -5.70
N ALA A 149 -12.46 -30.36 -5.07
CA ALA A 149 -13.90 -30.49 -4.91
C ALA A 149 -14.53 -29.27 -4.23
N SER A 150 -14.04 -28.87 -3.06
CA SER A 150 -14.58 -27.71 -2.37
C SER A 150 -14.52 -26.45 -3.25
N ALA A 151 -13.37 -26.20 -3.88
CA ALA A 151 -13.22 -25.02 -4.74
C ALA A 151 -14.21 -25.07 -5.93
N LEU A 152 -14.40 -26.25 -6.50
CA LEU A 152 -15.33 -26.40 -7.60
C LEU A 152 -16.75 -26.02 -7.13
N MET A 153 -17.12 -26.40 -5.91
CA MET A 153 -18.45 -26.02 -5.46
C MET A 153 -18.59 -24.49 -5.36
N VAL A 154 -17.50 -23.82 -4.97
CA VAL A 154 -17.55 -22.35 -4.88
C VAL A 154 -17.69 -21.78 -6.32
N LEU A 155 -16.95 -22.37 -7.26
CA LEU A 155 -16.97 -21.92 -8.65
C LEU A 155 -18.34 -22.08 -9.28
N ILE A 156 -18.93 -23.26 -9.05
CA ILE A 156 -20.25 -23.60 -9.57
C ILE A 156 -21.31 -22.69 -9.02
N GLN A 157 -21.27 -22.43 -7.72
CA GLN A 157 -22.31 -21.58 -7.18
C GLN A 157 -22.15 -20.13 -7.60
N SER A 158 -20.90 -19.74 -7.82
CA SER A 158 -20.54 -18.39 -8.24
C SER A 158 -20.84 -18.10 -9.72
N THR A 159 -21.08 -19.16 -10.50
CA THR A 159 -21.36 -19.00 -11.91
C THR A 159 -22.74 -19.56 -12.30
N SER A 160 -22.86 -20.88 -12.35
CA SER A 160 -24.13 -21.52 -12.72
C SER A 160 -25.28 -21.10 -11.84
N GLU A 161 -25.11 -21.24 -10.53
CA GLU A 161 -26.20 -20.89 -9.64
C GLU A 161 -26.50 -19.42 -9.67
N ALA A 162 -25.47 -18.57 -9.75
CA ALA A 162 -25.73 -17.11 -9.82
C ALA A 162 -26.47 -16.81 -11.12
N ALA A 163 -26.08 -17.49 -12.18
CA ALA A 163 -26.77 -17.30 -13.48
C ALA A 163 -28.24 -17.72 -13.44
N ARG A 164 -28.57 -18.76 -12.67
CA ARG A 164 -29.95 -19.22 -12.57
C ARG A 164 -30.87 -18.35 -11.71
N TYR A 165 -30.29 -17.65 -10.75
CA TYR A 165 -31.10 -16.84 -9.83
C TYR A 165 -30.53 -15.46 -9.49
N LYS A 166 -31.33 -14.43 -9.71
CA LYS A 166 -30.90 -13.08 -9.36
C LYS A 166 -30.61 -12.94 -7.84
N PHE A 167 -31.34 -13.69 -7.00
CA PHE A 167 -31.08 -13.58 -5.57
C PHE A 167 -29.70 -14.10 -5.24
N ILE A 168 -29.31 -15.19 -5.89
CA ILE A 168 -28.00 -15.74 -5.64
C ILE A 168 -26.95 -14.78 -6.18
N GLU A 169 -27.16 -14.27 -7.42
CA GLU A 169 -26.23 -13.30 -8.02
C GLU A 169 -26.02 -12.14 -7.08
N GLN A 170 -27.12 -11.59 -6.61
CA GLN A 170 -27.09 -10.45 -5.71
C GLN A 170 -26.36 -10.73 -4.40
N GLN A 171 -26.66 -11.88 -3.80
CA GLN A 171 -26.07 -12.23 -2.52
C GLN A 171 -24.58 -12.44 -2.63
N ILE A 172 -24.12 -13.08 -3.70
CA ILE A 172 -22.68 -13.28 -3.85
C ILE A 172 -21.99 -11.97 -4.21
N GLY A 173 -22.61 -11.19 -5.09
CA GLY A 173 -22.02 -9.95 -5.56
C GLY A 173 -21.84 -8.85 -4.53
N LYS A 174 -22.66 -8.89 -3.49
CA LYS A 174 -22.67 -7.95 -2.40
C LYS A 174 -21.46 -8.20 -1.47
N ARG A 175 -20.90 -9.41 -1.50
CA ARG A 175 -19.75 -9.69 -0.63
C ARG A 175 -18.51 -9.47 -1.47
N VAL A 176 -18.04 -8.22 -1.48
CA VAL A 176 -16.86 -7.84 -2.26
C VAL A 176 -15.56 -8.03 -1.50
N ASP A 177 -15.55 -7.64 -0.23
CA ASP A 177 -14.34 -7.81 0.58
C ASP A 177 -14.49 -8.73 1.78
N LYS A 178 -15.58 -9.48 1.81
CA LYS A 178 -15.89 -10.43 2.89
C LYS A 178 -16.51 -11.64 2.22
N THR A 179 -16.57 -12.76 2.93
CA THR A 179 -17.23 -13.97 2.42
C THR A 179 -18.47 -14.12 3.30
N PHE A 180 -19.21 -15.22 3.16
CA PHE A 180 -20.38 -15.45 3.97
C PHE A 180 -20.79 -16.89 3.78
N LEU A 181 -21.46 -17.47 4.76
CA LEU A 181 -21.95 -18.86 4.59
C LEU A 181 -23.31 -18.74 3.92
N PRO A 182 -23.54 -19.48 2.81
CA PRO A 182 -24.86 -19.32 2.18
C PRO A 182 -25.99 -19.75 3.09
N SER A 183 -27.12 -19.06 2.97
CA SER A 183 -28.30 -19.37 3.76
C SER A 183 -28.98 -20.64 3.24
N LEU A 184 -29.88 -21.22 4.04
CA LEU A 184 -30.63 -22.38 3.59
C LEU A 184 -31.46 -21.93 2.37
N ALA A 185 -31.82 -20.65 2.33
CA ALA A 185 -32.57 -20.13 1.17
C ALA A 185 -31.70 -20.32 -0.11
N ILE A 186 -30.43 -19.93 -0.07
CA ILE A 186 -29.62 -20.14 -1.27
C ILE A 186 -29.57 -21.62 -1.64
N ILE A 187 -29.34 -22.49 -0.66
CA ILE A 187 -29.26 -23.93 -0.92
C ILE A 187 -30.58 -24.47 -1.47
N SER A 188 -31.68 -24.01 -0.89
CA SER A 188 -33.02 -24.43 -1.31
C SER A 188 -33.24 -24.06 -2.79
N LEU A 189 -32.79 -22.88 -3.21
CA LEU A 189 -32.96 -22.48 -4.62
C LEU A 189 -32.17 -23.37 -5.55
N GLU A 190 -30.90 -23.61 -5.22
CA GLU A 190 -30.05 -24.45 -6.04
C GLU A 190 -30.69 -25.86 -6.15
N ASN A 191 -31.11 -26.41 -5.02
CA ASN A 191 -31.67 -27.76 -5.01
C ASN A 191 -32.96 -27.87 -5.77
N SER A 192 -33.78 -26.82 -5.65
CA SER A 192 -35.07 -26.81 -6.28
C SER A 192 -35.10 -26.24 -7.68
N TRP A 193 -33.95 -25.86 -8.24
CA TRP A 193 -34.00 -25.29 -9.58
C TRP A 193 -34.69 -26.18 -10.65
N SER A 194 -34.31 -27.45 -10.82
CA SER A 194 -34.96 -28.21 -11.88
C SER A 194 -36.44 -28.41 -11.62
N ALA A 195 -36.83 -28.56 -10.35
CA ALA A 195 -38.21 -28.75 -9.98
C ALA A 195 -39.03 -27.50 -10.27
N LEU A 196 -38.47 -26.36 -9.91
CA LEU A 196 -39.13 -25.07 -10.11
C LEU A 196 -39.32 -24.73 -11.57
N SER A 197 -38.25 -24.85 -12.35
CA SER A 197 -38.33 -24.58 -13.77
C SER A 197 -39.37 -25.50 -14.39
N LYS A 198 -39.36 -26.77 -13.99
CA LYS A 198 -40.31 -27.70 -14.57
C LYS A 198 -41.77 -27.26 -14.28
N GLN A 199 -42.01 -26.76 -13.05
CA GLN A 199 -43.36 -26.33 -12.66
C GLN A 199 -43.78 -25.05 -13.40
N ILE A 200 -42.82 -24.18 -13.72
CA ILE A 200 -43.17 -22.94 -14.44
C ILE A 200 -43.54 -23.33 -15.87
N GLN A 201 -42.81 -24.28 -16.42
CA GLN A 201 -43.08 -24.75 -17.77
C GLN A 201 -44.49 -25.40 -17.77
N ILE A 202 -44.72 -26.28 -16.80
CA ILE A 202 -46.01 -26.92 -16.67
C ILE A 202 -47.06 -25.84 -16.44
N ALA A 203 -46.73 -24.80 -15.70
CA ALA A 203 -47.73 -23.75 -15.44
C ALA A 203 -48.23 -23.07 -16.73
N SER A 204 -47.34 -22.98 -17.71
CA SER A 204 -47.72 -22.34 -18.95
C SER A 204 -48.75 -23.21 -19.67
N THR A 205 -48.79 -24.49 -19.33
CA THR A 205 -49.76 -25.38 -19.95
C THR A 205 -50.93 -25.59 -19.03
N ASN A 206 -50.96 -24.88 -17.91
CA ASN A 206 -52.04 -25.08 -16.93
C ASN A 206 -52.64 -23.75 -16.47
N ASN A 207 -52.73 -22.79 -17.38
CA ASN A 207 -53.24 -21.44 -17.13
C ASN A 207 -52.53 -20.72 -15.96
N GLY A 208 -51.21 -20.86 -15.89
CA GLY A 208 -50.40 -20.20 -14.88
C GLY A 208 -50.25 -20.89 -13.52
N GLN A 209 -50.78 -22.10 -13.37
CA GLN A 209 -50.68 -22.79 -12.09
C GLN A 209 -49.85 -24.08 -12.04
N PHE A 210 -49.07 -24.21 -10.98
CA PHE A 210 -48.23 -25.37 -10.76
C PHE A 210 -49.14 -26.58 -10.59
N GLU A 211 -48.66 -27.76 -10.99
CA GLU A 211 -49.42 -28.98 -10.77
C GLU A 211 -48.93 -29.57 -9.45
N SER A 212 -47.68 -29.28 -9.09
CA SER A 212 -47.09 -29.76 -7.83
C SER A 212 -46.47 -28.58 -7.11
N PRO A 213 -46.95 -28.29 -5.89
CA PRO A 213 -46.37 -27.16 -5.14
C PRO A 213 -44.88 -27.37 -4.91
N VAL A 214 -44.12 -26.27 -4.95
CA VAL A 214 -42.67 -26.31 -4.72
C VAL A 214 -42.42 -25.63 -3.39
N VAL A 215 -41.93 -26.40 -2.42
CA VAL A 215 -41.66 -25.87 -1.08
C VAL A 215 -40.24 -25.31 -1.04
N LEU A 216 -40.08 -24.06 -0.63
CA LEU A 216 -38.75 -23.46 -0.60
C LEU A 216 -38.47 -22.87 0.77
N ILE A 217 -37.26 -22.33 0.95
CA ILE A 217 -36.91 -21.67 2.22
C ILE A 217 -36.64 -20.20 1.86
N ASN A 218 -37.26 -19.23 2.56
CA ASN A 218 -37.02 -17.83 2.23
C ASN A 218 -35.80 -17.31 2.99
N ALA A 219 -35.47 -16.02 2.81
CA ALA A 219 -34.31 -15.39 3.46
C ALA A 219 -34.41 -15.32 4.97
N GLN A 220 -35.65 -15.39 5.47
CA GLN A 220 -35.93 -15.34 6.89
C GLN A 220 -35.83 -16.75 7.46
N ASN A 221 -35.36 -17.68 6.64
CA ASN A 221 -35.22 -19.07 7.06
C ASN A 221 -36.58 -19.74 7.34
N GLN A 222 -37.60 -19.30 6.62
CA GLN A 222 -38.96 -19.84 6.76
C GLN A 222 -39.36 -20.66 5.56
N ARG A 223 -40.12 -21.73 5.78
CA ARG A 223 -40.59 -22.54 4.66
C ARG A 223 -41.76 -21.76 4.02
N VAL A 224 -41.82 -21.81 2.69
CA VAL A 224 -42.90 -21.11 1.99
C VAL A 224 -43.17 -21.94 0.75
N THR A 225 -44.43 -22.12 0.39
CA THR A 225 -44.71 -22.95 -0.77
C THR A 225 -45.18 -22.09 -1.97
N ILE A 226 -44.68 -22.45 -3.13
CA ILE A 226 -45.01 -21.73 -4.36
C ILE A 226 -45.99 -22.57 -5.19
N THR A 227 -47.07 -21.96 -5.67
CA THR A 227 -48.03 -22.70 -6.46
C THR A 227 -48.41 -22.09 -7.82
N ASN A 228 -47.90 -20.89 -8.12
CA ASN A 228 -48.21 -20.27 -9.42
C ASN A 228 -47.20 -19.22 -9.81
N VAL A 229 -47.33 -18.72 -11.05
CA VAL A 229 -46.41 -17.75 -11.60
C VAL A 229 -46.52 -16.33 -11.09
N ASP A 230 -47.44 -16.04 -10.17
CA ASP A 230 -47.52 -14.69 -9.60
C ASP A 230 -46.53 -14.58 -8.42
N ALA A 231 -45.91 -15.70 -8.02
CA ALA A 231 -44.97 -15.68 -6.88
C ALA A 231 -43.68 -14.88 -7.12
N GLY A 232 -43.20 -14.20 -6.09
CA GLY A 232 -41.97 -13.44 -6.23
C GLY A 232 -40.81 -14.26 -6.79
N VAL A 233 -40.70 -15.55 -6.45
CA VAL A 233 -39.54 -16.29 -6.98
C VAL A 233 -39.61 -16.44 -8.48
N VAL A 234 -40.81 -16.45 -9.03
CA VAL A 234 -41.01 -16.56 -10.48
C VAL A 234 -40.90 -15.18 -11.18
N THR A 235 -41.49 -14.16 -10.56
CA THR A 235 -41.50 -12.84 -11.19
C THR A 235 -40.26 -12.02 -10.97
N SER A 236 -39.57 -12.28 -9.88
CA SER A 236 -38.42 -11.46 -9.54
C SER A 236 -37.19 -12.22 -9.09
N ASN A 237 -36.94 -13.42 -9.60
CA ASN A 237 -35.77 -14.13 -9.11
C ASN A 237 -35.20 -15.09 -10.14
N ILE A 238 -35.87 -16.21 -10.37
CA ILE A 238 -35.34 -17.16 -11.32
C ILE A 238 -35.04 -16.48 -12.67
N ALA A 239 -33.87 -16.78 -13.23
CA ALA A 239 -33.47 -16.14 -14.50
C ALA A 239 -33.29 -17.06 -15.70
N LEU A 240 -33.37 -18.38 -15.50
CA LEU A 240 -33.22 -19.34 -16.59
C LEU A 240 -34.09 -20.54 -16.28
N LEU A 241 -34.69 -21.11 -17.31
CA LEU A 241 -35.52 -22.29 -17.15
C LEU A 241 -34.86 -23.46 -17.89
N MET B 1 12.07 -18.87 -19.38
CA MET B 1 12.95 -19.92 -19.90
C MET B 1 13.64 -19.48 -21.18
N ASP B 2 14.90 -19.90 -21.31
CA ASP B 2 15.83 -19.55 -22.39
C ASP B 2 15.60 -20.06 -23.82
N VAL B 3 15.91 -19.21 -24.80
CA VAL B 3 15.78 -19.59 -26.20
C VAL B 3 17.13 -19.20 -26.83
N SER B 4 17.63 -20.00 -27.76
CA SER B 4 18.92 -19.68 -28.38
C SER B 4 18.83 -19.61 -29.90
N PHE B 5 19.73 -18.84 -30.52
CA PHE B 5 19.77 -18.76 -31.97
C PHE B 5 21.23 -18.57 -32.39
N ARG B 6 21.66 -19.29 -33.41
CA ARG B 6 23.04 -19.17 -33.92
C ARG B 6 23.05 -18.61 -35.32
N LEU B 7 23.89 -17.61 -35.59
CA LEU B 7 23.92 -17.07 -36.96
C LEU B 7 24.70 -18.02 -37.87
N SER B 8 25.68 -18.74 -37.32
CA SER B 8 26.47 -19.63 -38.14
C SER B 8 25.58 -20.74 -38.68
N GLY B 9 25.39 -20.75 -40.00
CA GLY B 9 24.56 -21.76 -40.61
C GLY B 9 23.08 -21.42 -40.53
N ALA B 10 22.76 -20.19 -40.15
CA ALA B 10 21.34 -19.80 -40.08
C ALA B 10 20.67 -19.80 -41.46
N THR B 11 19.39 -20.18 -41.47
CA THR B 11 18.58 -20.22 -42.68
C THR B 11 17.28 -19.48 -42.34
N SER B 12 16.45 -19.19 -43.34
CA SER B 12 15.21 -18.47 -43.07
C SER B 12 14.44 -19.41 -42.18
N SER B 13 14.61 -20.69 -42.45
CA SER B 13 13.89 -21.67 -41.65
C SER B 13 14.27 -21.73 -40.15
N SER B 14 15.57 -21.67 -39.85
CA SER B 14 16.00 -21.72 -38.46
C SER B 14 15.70 -20.41 -37.74
N TYR B 15 15.58 -19.31 -38.48
CA TYR B 15 15.24 -18.03 -37.83
C TYR B 15 13.78 -18.16 -37.38
N GLY B 16 13.00 -18.78 -38.24
CA GLY B 16 11.59 -19.02 -37.97
C GLY B 16 11.40 -19.86 -36.75
N VAL B 17 12.18 -20.92 -36.64
CA VAL B 17 12.13 -21.81 -35.47
C VAL B 17 12.46 -20.98 -34.22
N PHE B 18 13.50 -20.15 -34.29
CA PHE B 18 13.89 -19.31 -33.14
C PHE B 18 12.74 -18.38 -32.71
N ILE B 19 12.14 -17.67 -33.66
CA ILE B 19 11.08 -16.76 -33.30
C ILE B 19 9.87 -17.52 -32.73
N SER B 20 9.56 -18.68 -33.31
CA SER B 20 8.47 -19.50 -32.81
C SER B 20 8.74 -19.91 -31.38
N ASN B 21 9.95 -20.35 -31.10
CA ASN B 21 10.28 -20.74 -29.73
C ASN B 21 10.31 -19.54 -28.77
N LEU B 22 10.73 -18.38 -29.27
CA LEU B 22 10.73 -17.20 -28.42
C LEU B 22 9.29 -16.94 -27.98
N ARG B 23 8.36 -16.96 -28.92
CA ARG B 23 6.96 -16.73 -28.58
C ARG B 23 6.44 -17.76 -27.56
N LYS B 24 6.74 -19.04 -27.78
CA LYS B 24 6.29 -20.10 -26.88
C LYS B 24 6.89 -19.93 -25.49
N ALA B 25 8.05 -19.30 -25.43
CA ALA B 25 8.74 -19.10 -24.17
C ALA B 25 8.06 -18.11 -23.24
N LEU B 26 7.28 -17.18 -23.79
CA LEU B 26 6.60 -16.16 -22.99
C LEU B 26 5.31 -16.74 -22.45
N PRO B 27 5.13 -16.68 -21.12
CA PRO B 27 3.87 -17.23 -20.58
C PRO B 27 2.64 -16.45 -21.09
N ASN B 28 1.51 -17.13 -21.19
CA ASN B 28 0.34 -16.43 -21.66
C ASN B 28 -0.88 -16.86 -20.85
N GLU B 29 -1.85 -15.96 -20.79
CA GLU B 29 -3.11 -16.24 -20.09
C GLU B 29 -3.94 -17.28 -20.85
N ARG B 30 -4.22 -16.97 -22.12
CA ARG B 30 -5.07 -17.80 -23.00
C ARG B 30 -4.77 -17.23 -24.38
N LYS B 31 -5.60 -17.56 -25.37
CA LYS B 31 -5.44 -17.00 -26.72
C LYS B 31 -6.73 -16.23 -27.01
N LEU B 32 -6.60 -15.04 -27.58
CA LEU B 32 -7.74 -14.18 -27.93
C LEU B 32 -7.69 -14.05 -29.45
N TYR B 33 -8.76 -14.42 -30.14
CA TYR B 33 -8.77 -14.39 -31.62
C TYR B 33 -7.57 -15.19 -32.11
N ASP B 34 -7.29 -16.30 -31.44
CA ASP B 34 -6.17 -17.17 -31.76
C ASP B 34 -4.78 -16.50 -31.63
N ILE B 35 -4.68 -15.41 -30.85
CA ILE B 35 -3.37 -14.75 -30.62
C ILE B 35 -3.03 -14.84 -29.12
N PRO B 36 -1.81 -15.31 -28.80
CA PRO B 36 -1.45 -15.40 -27.37
C PRO B 36 -1.54 -14.04 -26.68
N LEU B 37 -2.20 -14.03 -25.52
CA LEU B 37 -2.36 -12.86 -24.66
C LEU B 37 -1.35 -12.98 -23.53
N LEU B 38 -0.36 -12.08 -23.52
CA LEU B 38 0.68 -12.08 -22.51
C LEU B 38 0.12 -11.87 -21.12
N ARG B 39 0.82 -12.38 -20.10
CA ARG B 39 0.39 -12.22 -18.72
C ARG B 39 0.60 -10.77 -18.32
N SER B 40 -0.29 -10.24 -17.49
CA SER B 40 -0.12 -8.83 -17.12
C SER B 40 0.84 -8.60 -15.97
N SER B 41 0.90 -9.53 -15.01
CA SER B 41 1.84 -9.37 -13.89
C SER B 41 2.37 -10.71 -13.42
N LEU B 42 3.68 -10.73 -13.17
CA LEU B 42 4.38 -11.91 -12.71
C LEU B 42 5.47 -11.49 -11.76
N PRO B 43 5.80 -12.36 -10.80
CA PRO B 43 6.85 -12.02 -9.85
C PRO B 43 8.17 -12.03 -10.62
N GLY B 44 9.21 -11.40 -10.07
CA GLY B 44 10.50 -11.35 -10.73
C GLY B 44 11.06 -12.67 -11.20
N SER B 45 10.93 -13.70 -10.38
CA SER B 45 11.45 -15.02 -10.74
C SER B 45 10.92 -15.59 -12.05
N GLN B 46 9.80 -15.05 -12.54
CA GLN B 46 9.19 -15.55 -13.76
C GLN B 46 9.00 -14.47 -14.81
N ARG B 47 9.35 -13.22 -14.47
CA ARG B 47 9.11 -12.11 -15.37
C ARG B 47 10.12 -11.90 -16.51
N TYR B 48 11.28 -12.54 -16.41
CA TYR B 48 12.30 -12.37 -17.41
C TYR B 48 12.75 -13.67 -18.06
N ALA B 49 12.91 -13.61 -19.38
CA ALA B 49 13.37 -14.72 -20.20
C ALA B 49 14.67 -14.25 -20.86
N LEU B 50 15.56 -15.20 -21.09
CA LEU B 50 16.83 -14.91 -21.69
C LEU B 50 16.87 -15.46 -23.11
N ILE B 51 17.49 -14.69 -24.01
CA ILE B 51 17.63 -15.07 -25.40
C ILE B 51 19.15 -15.07 -25.62
N HIS B 52 19.71 -16.17 -26.06
CA HIS B 52 21.16 -16.22 -26.31
C HIS B 52 21.46 -16.18 -27.81
N LEU B 53 22.22 -15.19 -28.25
CA LEU B 53 22.54 -15.09 -29.66
C LEU B 53 24.03 -15.28 -29.88
N THR B 54 24.36 -16.08 -30.89
CA THR B 54 25.76 -16.33 -31.20
C THR B 54 26.02 -15.90 -32.63
N ASN B 55 27.00 -15.02 -32.83
CA ASN B 55 27.26 -14.52 -34.19
C ASN B 55 28.05 -15.51 -35.10
N TYR B 56 28.38 -15.10 -36.31
CA TYR B 56 29.11 -16.00 -37.23
C TYR B 56 30.47 -16.37 -36.64
N ALA B 57 31.11 -15.44 -35.93
CA ALA B 57 32.42 -15.70 -35.30
C ALA B 57 32.33 -16.52 -34.01
N ASP B 58 31.16 -17.06 -33.73
CA ASP B 58 30.97 -17.91 -32.57
C ASP B 58 31.07 -17.14 -31.24
N GLU B 59 30.69 -15.86 -31.22
CA GLU B 59 30.71 -15.05 -29.99
C GLU B 59 29.28 -14.92 -29.52
N THR B 60 29.07 -14.99 -28.21
CA THR B 60 27.69 -14.94 -27.70
C THR B 60 27.30 -13.81 -26.75
N ILE B 61 26.05 -13.34 -26.85
CA ILE B 61 25.54 -12.36 -25.90
C ILE B 61 24.21 -12.90 -25.46
N SER B 62 23.82 -12.60 -24.22
CA SER B 62 22.50 -13.01 -23.73
C SER B 62 21.70 -11.70 -23.61
N VAL B 63 20.40 -11.78 -23.89
CA VAL B 63 19.53 -10.63 -23.89
C VAL B 63 18.36 -10.89 -22.95
N ALA B 64 18.14 -9.98 -22.01
CA ALA B 64 17.03 -10.15 -21.10
C ALA B 64 15.77 -9.40 -21.60
N ILE B 65 14.66 -10.12 -21.65
CA ILE B 65 13.38 -9.52 -22.05
C ILE B 65 12.32 -9.68 -20.94
N ASP B 66 11.43 -8.69 -20.85
CA ASP B 66 10.34 -8.67 -19.88
C ASP B 66 9.26 -9.42 -20.66
N VAL B 67 8.88 -10.61 -20.16
CA VAL B 67 7.92 -11.42 -20.88
C VAL B 67 6.48 -10.93 -20.85
N THR B 68 6.17 -9.94 -20.02
CA THR B 68 4.80 -9.41 -19.99
C THR B 68 4.61 -8.38 -21.12
N ASN B 69 5.71 -7.81 -21.65
CA ASN B 69 5.55 -6.84 -22.74
C ASN B 69 6.56 -6.97 -23.86
N VAL B 70 7.40 -7.98 -23.78
CA VAL B 70 8.44 -8.25 -24.77
C VAL B 70 9.50 -7.17 -24.92
N TYR B 71 9.68 -6.32 -23.91
CA TYR B 71 10.72 -5.30 -24.02
C TYR B 71 12.06 -5.83 -23.58
N ILE B 72 13.11 -5.41 -24.28
CA ILE B 72 14.45 -5.79 -23.92
C ILE B 72 14.92 -4.91 -22.71
N MET B 73 15.43 -5.56 -21.67
CA MET B 73 15.87 -4.81 -20.46
C MET B 73 17.36 -4.50 -20.51
N GLY B 74 18.11 -5.40 -21.15
CA GLY B 74 19.55 -5.24 -21.26
C GLY B 74 20.18 -6.50 -21.82
N TYR B 75 21.51 -6.60 -21.76
CA TYR B 75 22.18 -7.79 -22.29
C TYR B 75 23.51 -8.06 -21.55
N ARG B 76 24.12 -9.19 -21.81
CA ARG B 76 25.34 -9.56 -21.15
C ARG B 76 26.34 -10.04 -22.18
N ALA B 77 27.59 -9.63 -22.02
CA ALA B 77 28.68 -10.02 -22.90
C ALA B 77 29.83 -10.41 -22.00
N GLY B 78 30.11 -11.70 -21.89
CA GLY B 78 31.21 -12.13 -21.04
C GLY B 78 30.95 -11.73 -19.60
N ASP B 79 31.91 -11.03 -18.97
CA ASP B 79 31.75 -10.64 -17.57
C ASP B 79 31.03 -9.33 -17.31
N THR B 80 30.45 -8.74 -18.35
CA THR B 80 29.79 -7.43 -18.21
C THR B 80 28.32 -7.43 -18.63
N SER B 81 27.49 -6.79 -17.81
CA SER B 81 26.09 -6.64 -18.10
C SER B 81 25.81 -5.16 -18.43
N TYR B 82 24.81 -4.93 -19.29
CA TYR B 82 24.42 -3.58 -19.68
C TYR B 82 22.91 -3.48 -19.57
N PHE B 83 22.42 -2.51 -18.80
CA PHE B 83 20.96 -2.32 -18.65
C PHE B 83 20.58 -0.89 -19.11
N PHE B 84 19.39 -0.74 -19.67
CA PHE B 84 18.93 0.58 -20.10
C PHE B 84 18.78 1.51 -18.90
N ASN B 85 18.84 2.82 -19.12
CA ASN B 85 18.68 3.77 -18.03
C ASN B 85 17.18 4.06 -17.82
N GLU B 86 16.49 3.12 -17.16
CA GLU B 86 15.08 3.29 -16.87
C GLU B 86 14.69 2.34 -15.74
N ALA B 87 13.70 2.76 -14.97
CA ALA B 87 13.18 2.02 -13.83
C ALA B 87 13.01 0.53 -14.09
N SER B 88 12.33 0.20 -15.17
CA SER B 88 12.05 -1.18 -15.51
C SER B 88 13.31 -2.06 -15.61
N ALA B 89 14.36 -1.52 -16.21
CA ALA B 89 15.60 -2.28 -16.36
C ALA B 89 16.33 -2.38 -15.00
N THR B 90 16.23 -1.34 -14.18
CA THR B 90 16.87 -1.41 -12.85
C THR B 90 16.27 -2.53 -12.04
N GLU B 91 14.95 -2.63 -12.09
CA GLU B 91 14.21 -3.70 -11.43
C GLU B 91 14.67 -5.05 -12.01
N ALA B 92 14.70 -5.14 -13.34
CA ALA B 92 15.13 -6.36 -14.00
C ALA B 92 16.55 -6.85 -13.59
N ALA B 93 17.47 -5.93 -13.30
CA ALA B 93 18.85 -6.27 -12.91
C ALA B 93 18.95 -6.96 -11.54
N LYS B 94 17.83 -7.01 -10.83
CA LYS B 94 17.81 -7.68 -9.53
C LYS B 94 17.65 -9.16 -9.78
N TYR B 95 17.17 -9.52 -10.97
CA TYR B 95 16.87 -10.92 -11.26
C TYR B 95 17.62 -11.60 -12.39
N VAL B 96 18.48 -10.90 -13.14
CA VAL B 96 19.20 -11.54 -14.24
C VAL B 96 20.66 -11.09 -14.30
N PHE B 97 21.47 -11.87 -15.00
CA PHE B 97 22.90 -11.60 -15.18
C PHE B 97 23.66 -11.38 -13.87
N LYS B 98 23.33 -12.18 -12.86
CA LYS B 98 23.99 -12.08 -11.55
C LYS B 98 25.43 -12.59 -11.57
N ASP B 99 25.80 -13.30 -12.64
CA ASP B 99 27.15 -13.83 -12.82
C ASP B 99 28.13 -12.76 -13.32
N ALA B 100 27.59 -11.66 -13.86
CA ALA B 100 28.44 -10.60 -14.40
C ALA B 100 29.05 -9.76 -13.28
N MET B 101 30.37 -9.61 -13.27
CA MET B 101 31.05 -8.83 -12.23
C MET B 101 31.11 -7.32 -12.53
N ARG B 102 30.78 -6.95 -13.77
CA ARG B 102 30.83 -5.57 -14.17
C ARG B 102 29.47 -5.19 -14.71
N LYS B 103 28.79 -4.33 -13.97
CA LYS B 103 27.48 -3.92 -14.41
C LYS B 103 27.55 -2.49 -14.89
N VAL B 104 27.05 -2.30 -16.12
CA VAL B 104 27.03 -1.00 -16.74
C VAL B 104 25.62 -0.54 -17.04
N THR B 105 25.34 0.70 -16.70
CA THR B 105 24.04 1.26 -16.99
C THR B 105 24.25 2.04 -18.26
N LEU B 106 23.54 1.66 -19.31
CA LEU B 106 23.63 2.37 -20.58
C LEU B 106 23.22 3.83 -20.36
N PRO B 107 23.71 4.74 -21.21
CA PRO B 107 23.35 6.15 -21.04
C PRO B 107 21.89 6.49 -21.20
N TYR B 108 21.22 5.81 -22.13
CA TYR B 108 19.83 6.11 -22.45
C TYR B 108 18.85 5.00 -22.07
N SER B 109 17.55 5.26 -22.24
CA SER B 109 16.52 4.26 -21.93
C SER B 109 16.34 3.43 -23.19
N GLY B 110 15.36 2.51 -23.20
CA GLY B 110 15.17 1.64 -24.35
C GLY B 110 14.14 2.10 -25.39
N ASN B 111 13.48 3.20 -25.08
CA ASN B 111 12.47 3.84 -25.93
C ASN B 111 13.09 4.13 -27.32
N TYR B 112 12.33 3.90 -28.39
CA TYR B 112 12.87 4.13 -29.73
C TYR B 112 13.24 5.58 -30.02
N GLU B 113 12.47 6.52 -29.47
CA GLU B 113 12.82 7.93 -29.73
C GLU B 113 14.17 8.27 -29.06
N ARG B 114 14.36 7.75 -27.85
CA ARG B 114 15.63 7.96 -27.14
C ARG B 114 16.75 7.25 -27.84
N LEU B 115 16.49 6.03 -28.34
CA LEU B 115 17.55 5.28 -29.02
C LEU B 115 17.97 5.92 -30.33
N GLN B 116 17.02 6.37 -31.12
CA GLN B 116 17.33 7.04 -32.38
C GLN B 116 18.13 8.31 -32.11
N THR B 117 17.76 9.05 -31.07
CA THR B 117 18.50 10.27 -30.72
C THR B 117 19.95 9.91 -30.37
N ALA B 118 20.13 8.91 -29.51
CA ALA B 118 21.48 8.49 -29.13
C ALA B 118 22.29 7.97 -30.32
N ALA B 119 21.61 7.28 -31.25
CA ALA B 119 22.29 6.75 -32.42
C ALA B 119 22.56 7.84 -33.40
N GLY B 120 21.70 8.87 -33.39
CA GLY B 120 21.82 9.95 -34.37
C GLY B 120 21.29 9.45 -35.70
N LYS B 121 20.53 8.36 -35.69
CA LYS B 121 19.99 7.75 -36.92
C LYS B 121 18.57 7.23 -36.65
N ILE B 122 17.71 7.21 -37.68
CA ILE B 122 16.35 6.69 -37.48
C ILE B 122 16.27 5.27 -38.04
N ARG B 123 15.36 4.45 -37.52
CA ARG B 123 15.27 3.04 -37.97
C ARG B 123 15.21 2.83 -39.48
N GLU B 124 14.49 3.69 -40.20
CA GLU B 124 14.39 3.54 -41.67
C GLU B 124 15.77 3.45 -42.32
N ASN B 125 16.80 3.99 -41.67
CA ASN B 125 18.15 3.99 -42.26
C ASN B 125 19.15 3.03 -41.65
N ILE B 126 18.70 2.13 -40.80
CA ILE B 126 19.58 1.15 -40.16
C ILE B 126 19.24 -0.20 -40.76
N PRO B 127 20.20 -0.83 -41.43
CA PRO B 127 19.99 -2.13 -42.08
C PRO B 127 19.58 -3.28 -41.13
N LEU B 128 18.69 -4.16 -41.61
CA LEU B 128 18.21 -5.33 -40.85
C LEU B 128 18.47 -6.55 -41.75
N GLY B 129 18.16 -7.75 -41.27
CA GLY B 129 18.40 -8.99 -42.01
C GLY B 129 19.38 -9.82 -41.19
N LEU B 130 19.53 -11.11 -41.41
CA LEU B 130 20.47 -11.89 -40.58
C LEU B 130 21.92 -11.38 -40.53
N PRO B 131 22.50 -10.95 -41.65
CA PRO B 131 23.88 -10.46 -41.54
C PRO B 131 23.95 -9.22 -40.63
N ALA B 132 22.91 -8.41 -40.69
CA ALA B 132 22.85 -7.20 -39.87
C ALA B 132 22.80 -7.56 -38.38
N LEU B 133 22.13 -8.68 -38.05
CA LEU B 133 22.02 -9.14 -36.65
C LEU B 133 23.40 -9.65 -36.19
N ASP B 134 24.09 -10.39 -37.06
CA ASP B 134 25.45 -10.81 -36.72
C ASP B 134 26.28 -9.54 -36.37
N SER B 135 26.23 -8.55 -37.25
CA SER B 135 27.00 -7.31 -37.06
C SER B 135 26.65 -6.61 -35.75
N ALA B 136 25.37 -6.63 -35.41
CA ALA B 136 24.89 -6.00 -34.18
C ALA B 136 25.44 -6.76 -32.97
N ILE B 137 25.45 -8.09 -33.05
CA ILE B 137 25.96 -8.89 -31.94
C ILE B 137 27.43 -8.57 -31.71
N THR B 138 28.18 -8.48 -32.80
CA THR B 138 29.61 -8.17 -32.72
C THR B 138 29.83 -6.84 -32.01
N THR B 139 29.08 -5.85 -32.46
CA THR B 139 29.18 -4.48 -31.92
C THR B 139 28.89 -4.46 -30.43
N LEU B 140 27.84 -5.18 -30.01
CA LEU B 140 27.46 -5.18 -28.60
C LEU B 140 28.41 -6.01 -27.73
N PHE B 141 28.92 -7.11 -28.30
CA PHE B 141 29.86 -7.98 -27.59
C PHE B 141 31.18 -7.21 -27.32
N TYR B 142 31.52 -6.27 -28.21
CA TYR B 142 32.71 -5.41 -28.05
C TYR B 142 32.16 -3.99 -27.80
N TYR B 143 31.31 -3.87 -26.78
CA TYR B 143 30.70 -2.58 -26.48
C TYR B 143 31.54 -1.31 -26.74
N ASN B 144 30.94 -0.33 -27.41
CA ASN B 144 31.53 0.98 -27.67
C ASN B 144 30.39 1.98 -27.50
N ALA B 145 30.50 2.90 -26.54
CA ALA B 145 29.44 3.87 -26.26
C ALA B 145 28.75 4.53 -27.46
N ASN B 146 29.50 4.82 -28.53
CA ASN B 146 28.91 5.50 -29.70
C ASN B 146 28.45 4.60 -30.84
N SER B 147 28.51 3.28 -30.67
CA SER B 147 28.04 2.38 -31.73
C SER B 147 26.95 1.45 -31.19
N ALA B 148 26.75 1.48 -29.89
CA ALA B 148 25.75 0.59 -29.27
C ALA B 148 24.26 0.85 -29.55
N ALA B 149 23.84 2.11 -29.61
CA ALA B 149 22.42 2.39 -29.80
C ALA B 149 21.90 1.80 -31.09
N SER B 150 22.61 2.09 -32.19
CA SER B 150 22.18 1.56 -33.47
C SER B 150 22.06 0.02 -33.42
N ALA B 151 23.05 -0.61 -32.80
CA ALA B 151 23.10 -2.08 -32.69
C ALA B 151 21.91 -2.59 -31.87
N LEU B 152 21.59 -1.85 -30.82
CA LEU B 152 20.48 -2.23 -30.00
C LEU B 152 19.16 -2.18 -30.76
N MET B 153 19.01 -1.16 -31.62
CA MET B 153 17.77 -1.08 -32.40
C MET B 153 17.68 -2.27 -33.35
N VAL B 154 18.82 -2.72 -33.87
CA VAL B 154 18.79 -3.91 -34.72
C VAL B 154 18.37 -5.11 -33.85
N LEU B 155 18.99 -5.23 -32.67
CA LEU B 155 18.67 -6.35 -31.77
C LEU B 155 17.17 -6.40 -31.43
N ILE B 156 16.63 -5.26 -31.00
CA ILE B 156 15.23 -5.17 -30.64
C ILE B 156 14.29 -5.60 -31.78
N GLN B 157 14.51 -5.07 -32.99
CA GLN B 157 13.64 -5.42 -34.12
C GLN B 157 13.80 -6.88 -34.55
N SER B 158 15.00 -7.42 -34.37
CA SER B 158 15.28 -8.80 -34.75
C SER B 158 14.74 -9.81 -33.75
N THR B 159 14.35 -9.33 -32.56
CA THR B 159 13.85 -10.21 -31.52
C THR B 159 12.44 -9.82 -31.07
N SER B 160 12.34 -8.75 -30.27
CA SER B 160 11.02 -8.32 -29.81
C SER B 160 10.03 -8.06 -30.95
N GLU B 161 10.41 -7.25 -31.94
CA GLU B 161 9.48 -6.92 -33.00
C GLU B 161 9.16 -8.12 -33.87
N ALA B 162 10.16 -8.96 -34.13
CA ALA B 162 9.91 -10.20 -34.88
C ALA B 162 8.92 -11.11 -34.10
N ALA B 163 9.09 -11.23 -32.80
CA ALA B 163 8.17 -12.08 -32.02
C ALA B 163 6.73 -11.52 -32.02
N ARG B 164 6.60 -10.19 -32.05
CA ARG B 164 5.29 -9.55 -32.02
C ARG B 164 4.53 -9.60 -33.36
N TYR B 165 5.27 -9.67 -34.47
CA TYR B 165 4.71 -9.65 -35.80
C TYR B 165 5.23 -10.69 -36.77
N LYS B 166 4.33 -11.52 -37.29
CA LYS B 166 4.75 -12.52 -38.27
C LYS B 166 5.38 -11.82 -39.49
N PHE B 167 4.87 -10.65 -39.85
CA PHE B 167 5.42 -9.98 -41.03
C PHE B 167 6.88 -9.55 -40.82
N ILE B 168 7.22 -9.07 -39.63
CA ILE B 168 8.59 -8.64 -39.36
C ILE B 168 9.47 -9.88 -39.30
N GLU B 169 8.96 -10.94 -38.68
CA GLU B 169 9.70 -12.21 -38.60
C GLU B 169 10.04 -12.67 -40.02
N GLN B 170 9.01 -12.71 -40.85
CA GLN B 170 9.17 -13.13 -42.23
C GLN B 170 10.15 -12.25 -43.06
N GLN B 171 9.97 -10.94 -43.01
CA GLN B 171 10.84 -10.06 -43.78
C GLN B 171 12.30 -10.12 -43.32
N ILE B 172 12.52 -10.21 -42.02
CA ILE B 172 13.89 -10.25 -41.54
C ILE B 172 14.50 -11.61 -41.86
N GLY B 173 13.73 -12.67 -41.63
CA GLY B 173 14.26 -13.99 -41.90
C GLY B 173 14.51 -14.33 -43.35
N LYS B 174 13.94 -13.59 -44.31
CA LYS B 174 14.22 -13.93 -45.70
C LYS B 174 15.56 -13.27 -46.12
N ARG B 175 16.02 -12.23 -45.41
CA ARG B 175 17.30 -11.68 -45.78
C ARG B 175 18.31 -12.51 -45.00
N VAL B 176 18.75 -13.58 -45.66
CA VAL B 176 19.68 -14.51 -45.04
C VAL B 176 21.12 -14.15 -45.35
N ASP B 177 21.42 -13.84 -46.62
CA ASP B 177 22.77 -13.47 -46.99
C ASP B 177 22.89 -11.99 -47.37
N LYS B 178 21.86 -11.21 -47.06
CA LYS B 178 21.90 -9.81 -47.41
C LYS B 178 21.15 -9.02 -46.37
N THR B 179 21.18 -7.71 -46.51
CA THR B 179 20.49 -6.84 -45.59
C THR B 179 19.48 -5.96 -46.34
N PHE B 180 18.62 -5.24 -45.60
CA PHE B 180 17.61 -4.37 -46.21
C PHE B 180 17.25 -3.29 -45.20
N LEU B 181 16.73 -2.19 -45.70
CA LEU B 181 16.33 -1.08 -44.82
C LEU B 181 14.83 -1.29 -44.66
N PRO B 182 14.34 -1.33 -43.43
CA PRO B 182 12.93 -1.53 -43.22
C PRO B 182 12.05 -0.40 -43.71
N SER B 183 10.95 -0.80 -44.34
CA SER B 183 9.95 0.09 -44.87
C SER B 183 9.16 0.76 -43.75
N LEU B 184 8.44 1.82 -44.13
CA LEU B 184 7.57 2.56 -43.23
C LEU B 184 6.48 1.62 -42.71
N ALA B 185 6.09 0.59 -43.47
CA ALA B 185 5.07 -0.33 -42.95
C ALA B 185 5.64 -1.10 -41.76
N ILE B 186 6.90 -1.52 -41.84
CA ILE B 186 7.48 -2.28 -40.73
C ILE B 186 7.62 -1.38 -39.50
N ILE B 187 8.11 -0.16 -39.71
CA ILE B 187 8.25 0.79 -38.58
C ILE B 187 6.87 1.16 -38.00
N SER B 188 5.87 1.28 -38.87
CA SER B 188 4.51 1.59 -38.40
C SER B 188 4.00 0.47 -37.47
N LEU B 189 4.28 -0.77 -37.86
CA LEU B 189 3.87 -1.91 -37.02
C LEU B 189 4.54 -1.81 -35.63
N GLU B 190 5.83 -1.51 -35.64
CA GLU B 190 6.57 -1.40 -34.39
C GLU B 190 5.96 -0.30 -33.53
N ASN B 191 5.79 0.87 -34.12
CA ASN B 191 5.24 2.00 -33.38
C ASN B 191 3.81 1.81 -32.86
N SER B 192 3.02 0.95 -33.50
CA SER B 192 1.61 0.77 -33.13
C SER B 192 1.20 -0.49 -32.35
N TRP B 193 2.14 -1.39 -32.12
CA TRP B 193 1.84 -2.65 -31.41
C TRP B 193 1.04 -2.41 -30.13
N SER B 194 1.57 -1.53 -29.32
CA SER B 194 0.97 -1.17 -28.06
C SER B 194 -0.50 -0.80 -28.23
N ALA B 195 -0.77 0.09 -29.17
CA ALA B 195 -2.12 0.57 -29.45
C ALA B 195 -3.00 -0.59 -29.95
N LEU B 196 -2.48 -1.37 -30.89
CA LEU B 196 -3.25 -2.48 -31.42
C LEU B 196 -3.59 -3.49 -30.35
N SER B 197 -2.60 -3.89 -29.56
CA SER B 197 -2.89 -4.84 -28.48
C SER B 197 -4.03 -4.32 -27.60
N LYS B 198 -3.98 -3.04 -27.23
CA LYS B 198 -5.02 -2.48 -26.39
C LYS B 198 -6.38 -2.56 -27.10
N GLN B 199 -6.40 -2.14 -28.37
CA GLN B 199 -7.63 -2.16 -29.12
C GLN B 199 -8.20 -3.55 -29.36
N ILE B 200 -7.34 -4.53 -29.63
CA ILE B 200 -7.88 -5.86 -29.88
C ILE B 200 -8.51 -6.41 -28.61
N GLN B 201 -7.94 -6.08 -27.45
CA GLN B 201 -8.48 -6.60 -26.16
C GLN B 201 -9.83 -5.95 -25.87
N ILE B 202 -9.93 -4.67 -26.23
CA ILE B 202 -11.16 -3.90 -26.07
C ILE B 202 -12.21 -4.44 -27.03
N ALA B 203 -11.79 -4.77 -28.24
CA ALA B 203 -12.76 -5.28 -29.22
C ALA B 203 -13.42 -6.60 -28.77
N SER B 204 -12.72 -7.39 -27.95
CA SER B 204 -13.27 -8.68 -27.50
C SER B 204 -14.57 -8.51 -26.70
N THR B 205 -14.81 -7.32 -26.14
CA THR B 205 -16.09 -7.10 -25.45
C THR B 205 -16.85 -5.94 -26.14
N ASN B 206 -16.44 -5.62 -27.38
CA ASN B 206 -17.11 -4.56 -28.11
C ASN B 206 -17.47 -4.98 -29.55
N ASN B 207 -17.99 -6.20 -29.68
CA ASN B 207 -18.39 -6.76 -30.96
C ASN B 207 -17.28 -6.80 -32.02
N GLY B 208 -16.04 -7.01 -31.57
CA GLY B 208 -14.92 -7.08 -32.48
C GLY B 208 -14.51 -5.75 -33.07
N GLN B 209 -15.11 -4.65 -32.59
CA GLN B 209 -14.79 -3.33 -33.10
C GLN B 209 -13.83 -2.60 -32.16
N PHE B 210 -12.91 -1.83 -32.74
CA PHE B 210 -11.98 -1.02 -31.95
C PHE B 210 -12.75 0.16 -31.41
N GLU B 211 -12.31 0.61 -30.25
CA GLU B 211 -12.89 1.77 -29.60
C GLU B 211 -12.11 3.00 -30.15
N SER B 212 -10.82 2.81 -30.43
CA SER B 212 -9.99 3.87 -31.00
C SER B 212 -9.19 3.31 -32.20
N PRO B 213 -9.64 3.60 -33.44
CA PRO B 213 -8.98 3.13 -34.67
C PRO B 213 -7.49 3.44 -34.72
N VAL B 214 -6.73 2.56 -35.34
CA VAL B 214 -5.27 2.72 -35.44
C VAL B 214 -4.88 2.93 -36.87
N VAL B 215 -4.01 3.88 -37.14
CA VAL B 215 -3.65 4.06 -38.53
C VAL B 215 -2.30 3.43 -38.77
N LEU B 216 -2.21 2.53 -39.75
CA LEU B 216 -0.93 1.92 -40.09
C LEU B 216 -0.50 2.38 -41.48
N ILE B 217 0.77 2.19 -41.82
CA ILE B 217 1.25 2.54 -43.15
C ILE B 217 1.36 1.22 -43.90
N ASN B 218 0.71 1.11 -45.06
CA ASN B 218 0.77 -0.14 -45.82
C ASN B 218 1.99 -0.23 -46.72
N ALA B 219 2.06 -1.32 -47.48
CA ALA B 219 3.19 -1.57 -48.36
C ALA B 219 3.36 -0.50 -49.42
N GLN B 220 2.26 0.16 -49.81
CA GLN B 220 2.31 1.20 -50.82
C GLN B 220 2.54 2.56 -50.15
N ASN B 221 2.91 2.51 -48.87
CA ASN B 221 3.19 3.73 -48.13
C ASN B 221 2.01 4.66 -47.91
N GLN B 222 0.80 4.08 -47.96
CA GLN B 222 -0.46 4.81 -47.76
C GLN B 222 -0.99 4.53 -46.37
N ARG B 223 -1.69 5.50 -45.81
CA ARG B 223 -2.28 5.32 -44.51
C ARG B 223 -3.45 4.37 -44.68
N VAL B 224 -3.63 3.46 -43.74
CA VAL B 224 -4.78 2.57 -43.74
C VAL B 224 -5.35 2.51 -42.32
N THR B 225 -6.64 2.77 -42.17
CA THR B 225 -7.27 2.77 -40.84
C THR B 225 -7.72 1.38 -40.44
N ILE B 226 -7.25 0.92 -39.28
CA ILE B 226 -7.63 -0.40 -38.75
C ILE B 226 -8.73 -0.14 -37.72
N THR B 227 -9.90 -0.74 -37.90
CA THR B 227 -11.06 -0.53 -37.01
C THR B 227 -11.67 -1.77 -36.34
N ASN B 228 -11.25 -2.97 -36.75
CA ASN B 228 -11.81 -4.17 -36.18
C ASN B 228 -10.92 -5.38 -36.36
N VAL B 229 -11.32 -6.48 -35.72
CA VAL B 229 -10.52 -7.68 -35.74
C VAL B 229 -10.43 -8.41 -37.07
N ASP B 230 -11.18 -7.97 -38.10
CA ASP B 230 -11.09 -8.58 -39.42
C ASP B 230 -9.93 -8.05 -40.26
N ALA B 231 -9.28 -6.98 -39.80
CA ALA B 231 -8.16 -6.41 -40.51
C ALA B 231 -7.05 -7.43 -40.62
N GLY B 232 -6.35 -7.41 -41.74
CA GLY B 232 -5.27 -8.38 -41.92
C GLY B 232 -4.21 -8.37 -40.81
N VAL B 233 -3.93 -7.20 -40.25
CA VAL B 233 -2.93 -7.14 -39.20
C VAL B 233 -3.34 -7.98 -37.98
N VAL B 234 -4.64 -8.05 -37.70
CA VAL B 234 -5.13 -8.79 -36.54
C VAL B 234 -5.24 -10.30 -36.84
N THR B 235 -5.68 -10.62 -38.05
CA THR B 235 -5.87 -12.00 -38.42
C THR B 235 -4.63 -12.73 -38.94
N SER B 236 -3.75 -12.00 -39.61
CA SER B 236 -2.60 -12.59 -40.28
C SER B 236 -1.21 -12.06 -39.97
N ASN B 237 -1.02 -11.41 -38.84
CA ASN B 237 0.30 -10.80 -38.61
C ASN B 237 0.67 -10.71 -37.13
N ILE B 238 -0.09 -9.94 -36.36
CA ILE B 238 0.25 -9.76 -34.94
C ILE B 238 0.24 -11.13 -34.27
N ALA B 239 1.25 -11.40 -33.46
CA ALA B 239 1.37 -12.72 -32.86
C ALA B 239 1.41 -12.74 -31.35
N LEU B 240 1.37 -11.57 -30.73
CA LEU B 240 1.40 -11.46 -29.26
C LEU B 240 0.58 -10.24 -28.81
N LEU B 241 -0.19 -10.35 -27.72
CA LEU B 241 -0.98 -9.23 -27.21
C LEU B 241 -0.58 -8.79 -25.83
N MET C 1 -7.07 15.67 14.81
CA MET C 1 -6.07 16.61 15.36
C MET C 1 -5.18 15.88 16.34
N ASP C 2 -4.00 16.43 16.62
CA ASP C 2 -3.12 15.80 17.59
C ASP C 2 -3.81 16.11 18.94
N VAL C 3 -4.20 15.10 19.71
CA VAL C 3 -4.86 15.35 21.01
C VAL C 3 -3.86 15.18 22.14
N SER C 4 -3.46 16.30 22.75
CA SER C 4 -2.45 16.18 23.79
C SER C 4 -2.73 17.11 24.95
N PHE C 5 -2.19 16.76 26.11
CA PHE C 5 -2.38 17.55 27.31
C PHE C 5 -1.01 17.85 27.94
N ARG C 6 -0.76 19.10 28.29
CA ARG C 6 0.52 19.46 28.91
C ARG C 6 0.25 19.83 30.37
N LEU C 7 0.86 19.11 31.31
CA LEU C 7 0.64 19.42 32.71
C LEU C 7 1.44 20.65 33.14
N SER C 8 2.61 20.84 32.54
CA SER C 8 3.46 21.99 32.84
C SER C 8 2.68 23.19 32.37
N GLY C 9 2.15 23.97 33.28
CA GLY C 9 1.37 25.13 32.90
C GLY C 9 -0.11 24.81 32.79
N ALA C 10 -0.53 23.65 33.29
CA ALA C 10 -1.94 23.26 33.23
C ALA C 10 -2.90 24.17 34.01
N THR C 11 -4.11 24.36 33.48
CA THR C 11 -5.14 25.11 34.20
C THR C 11 -6.44 24.29 34.09
N SER C 12 -7.45 24.64 34.90
CA SER C 12 -8.73 23.91 34.83
C SER C 12 -9.25 24.02 33.40
N SER C 13 -9.05 25.18 32.78
CA SER C 13 -9.52 25.32 31.39
C SER C 13 -8.76 24.47 30.37
N SER C 14 -7.46 24.32 30.52
CA SER C 14 -6.72 23.54 29.52
C SER C 14 -7.03 22.05 29.66
N TYR C 15 -7.26 21.58 30.88
CA TYR C 15 -7.65 20.17 31.06
C TYR C 15 -9.04 20.01 30.38
N GLY C 16 -9.93 20.98 30.63
CA GLY C 16 -11.25 20.96 30.00
C GLY C 16 -11.15 20.87 28.49
N VAL C 17 -10.25 21.64 27.88
CA VAL C 17 -10.10 21.60 26.42
C VAL C 17 -9.62 20.24 25.93
N PHE C 18 -8.65 19.68 26.66
CA PHE C 18 -8.08 18.40 26.34
C PHE C 18 -9.18 17.32 26.33
N ILE C 19 -10.00 17.30 27.37
CA ILE C 19 -11.03 16.29 27.43
C ILE C 19 -12.04 16.49 26.29
N SER C 20 -12.31 17.76 25.95
CA SER C 20 -13.25 18.05 24.87
C SER C 20 -12.72 17.52 23.55
N ASN C 21 -11.41 17.72 23.33
CA ASN C 21 -10.76 17.25 22.11
C ASN C 21 -10.74 15.72 22.10
N LEU C 22 -10.56 15.11 23.27
CA LEU C 22 -10.56 13.65 23.34
C LEU C 22 -11.96 13.16 22.87
N ARG C 23 -13.01 13.79 23.38
CA ARG C 23 -14.35 13.40 22.99
C ARG C 23 -14.54 13.54 21.48
N LYS C 24 -13.94 14.58 20.90
CA LYS C 24 -14.09 14.84 19.46
C LYS C 24 -13.33 13.89 18.58
N ALA C 25 -12.38 13.17 19.15
CA ALA C 25 -11.63 12.21 18.36
C ALA C 25 -12.39 10.90 18.27
N LEU C 26 -13.48 10.79 19.04
CA LEU C 26 -14.25 9.55 19.01
C LEU C 26 -15.39 9.73 18.01
N PRO C 27 -15.41 8.90 16.95
CA PRO C 27 -16.49 9.05 15.96
C PRO C 27 -17.85 8.69 16.57
N ASN C 28 -18.95 9.02 15.90
CA ASN C 28 -20.26 8.66 16.45
C ASN C 28 -21.36 8.32 15.44
N GLU C 29 -22.24 7.40 15.84
CA GLU C 29 -23.36 6.94 15.00
C GLU C 29 -24.33 8.11 14.76
N ARG C 30 -24.62 8.85 15.82
CA ARG C 30 -25.52 9.98 15.78
C ARG C 30 -25.60 10.53 17.22
N LYS C 31 -26.59 11.36 17.51
CA LYS C 31 -26.75 11.83 18.88
C LYS C 31 -28.12 11.41 19.36
N LEU C 32 -28.25 11.15 20.65
CA LEU C 32 -29.54 10.84 21.24
C LEU C 32 -29.60 11.80 22.41
N TYR C 33 -30.66 12.61 22.46
CA TYR C 33 -30.82 13.58 23.53
C TYR C 33 -29.56 14.44 23.72
N ASP C 34 -28.99 14.88 22.60
CA ASP C 34 -27.82 15.75 22.57
C ASP C 34 -26.52 15.07 22.99
N ILE C 35 -26.57 13.76 23.21
CA ILE C 35 -25.38 13.04 23.63
C ILE C 35 -24.83 12.16 22.49
N PRO C 36 -23.53 12.28 22.18
CA PRO C 36 -22.96 11.44 21.11
C PRO C 36 -23.05 9.95 21.42
N LEU C 37 -23.51 9.14 20.46
CA LEU C 37 -23.59 7.68 20.59
C LEU C 37 -22.36 7.08 19.87
N LEU C 38 -21.48 6.44 20.62
CA LEU C 38 -20.27 5.87 20.06
C LEU C 38 -20.60 4.81 18.99
N ARG C 39 -19.70 4.58 18.06
CA ARG C 39 -19.89 3.58 17.01
C ARG C 39 -19.69 2.18 17.60
N SER C 40 -20.66 1.31 17.37
CA SER C 40 -20.59 -0.06 17.88
C SER C 40 -19.55 -0.86 17.13
N SER C 41 -19.26 -0.48 15.88
CA SER C 41 -18.23 -1.18 15.12
C SER C 41 -17.67 -0.30 14.02
N LEU C 42 -16.43 -0.53 13.67
CA LEU C 42 -15.79 0.24 12.61
C LEU C 42 -14.48 -0.41 12.24
N PRO C 43 -13.95 -0.09 11.06
CA PRO C 43 -12.68 -0.67 10.62
C PRO C 43 -11.58 -0.46 11.65
N GLY C 44 -10.80 -1.51 11.85
CA GLY C 44 -9.73 -1.45 12.81
C GLY C 44 -8.76 -0.29 12.69
N SER C 45 -8.54 0.19 11.47
CA SER C 45 -7.57 1.29 11.28
C SER C 45 -8.11 2.62 11.83
N GLN C 46 -9.41 2.67 12.04
CA GLN C 46 -10.06 3.86 12.58
C GLN C 46 -10.51 3.68 14.02
N ARG C 47 -10.29 2.51 14.58
CA ARG C 47 -10.79 2.22 15.92
C ARG C 47 -9.96 2.61 17.12
N TYR C 48 -8.67 2.79 16.91
CA TYR C 48 -7.78 3.11 18.00
C TYR C 48 -7.13 4.49 17.89
N ALA C 49 -7.73 5.43 18.62
CA ALA C 49 -7.26 6.83 18.69
C ALA C 49 -6.12 6.97 19.70
N LEU C 50 -5.30 8.01 19.52
CA LEU C 50 -4.17 8.25 20.42
C LEU C 50 -4.27 9.61 21.11
N ILE C 51 -3.83 9.67 22.36
CA ILE C 51 -3.75 10.94 23.08
C ILE C 51 -2.33 10.91 23.64
N HIS C 52 -1.79 12.08 23.97
CA HIS C 52 -0.44 12.21 24.47
C HIS C 52 -0.44 13.12 25.68
N LEU C 53 0.20 12.67 26.75
CA LEU C 53 0.24 13.47 27.98
C LEU C 53 1.68 13.66 28.46
N THR C 54 2.02 14.91 28.83
CA THR C 54 3.34 15.27 29.30
C THR C 54 3.24 15.79 30.74
N ASN C 55 4.08 15.25 31.61
CA ASN C 55 4.03 15.64 33.01
C ASN C 55 4.85 16.92 33.28
N TYR C 56 4.95 17.32 34.54
CA TYR C 56 5.64 18.55 34.91
C TYR C 56 7.10 18.61 34.48
N ALA C 57 7.79 17.48 34.45
CA ALA C 57 9.20 17.42 34.06
C ALA C 57 9.40 17.24 32.54
N ASP C 58 8.34 17.50 31.79
CA ASP C 58 8.34 17.40 30.35
C ASP C 58 8.60 16.01 29.78
N GLU C 59 8.07 14.99 30.44
CA GLU C 59 8.18 13.60 30.02
C GLU C 59 6.81 13.21 29.51
N THR C 60 6.79 12.55 28.35
CA THR C 60 5.58 12.18 27.65
C THR C 60 5.27 10.69 27.49
N ILE C 61 3.98 10.33 27.64
CA ILE C 61 3.53 8.98 27.32
C ILE C 61 2.38 9.13 26.33
N SER C 62 2.24 8.16 25.43
CA SER C 62 1.12 8.22 24.49
C SER C 62 0.20 7.09 24.94
N VAL C 63 -1.09 7.29 24.72
CA VAL C 63 -2.11 6.34 25.17
C VAL C 63 -3.09 5.98 24.04
N ALA C 64 -3.33 4.67 23.88
CA ALA C 64 -4.23 4.13 22.85
C ALA C 64 -5.61 3.85 23.43
N ILE C 65 -6.64 4.37 22.74
CA ILE C 65 -8.03 4.26 23.19
C ILE C 65 -8.92 3.60 22.16
N ASP C 66 -9.73 2.65 22.59
CA ASP C 66 -10.69 1.94 21.73
C ASP C 66 -11.85 2.91 21.67
N VAL C 67 -12.12 3.44 20.47
CA VAL C 67 -13.18 4.45 20.32
C VAL C 67 -14.60 3.92 20.38
N THR C 68 -14.78 2.61 20.38
CA THR C 68 -16.14 2.06 20.46
C THR C 68 -16.61 2.10 21.90
N ASN C 69 -15.68 2.20 22.85
CA ASN C 69 -16.10 2.21 24.25
C ASN C 69 -15.23 3.02 25.22
N VAL C 70 -14.31 3.83 24.68
CA VAL C 70 -13.39 4.68 25.44
C VAL C 70 -12.44 3.91 26.34
N TYR C 71 -12.32 2.61 26.12
CA TYR C 71 -11.39 1.80 26.93
C TYR C 71 -9.92 1.99 26.53
N ILE C 72 -9.07 2.19 27.54
CA ILE C 72 -7.62 2.29 27.35
C ILE C 72 -7.08 0.89 27.04
N MET C 73 -6.33 0.78 25.95
CA MET C 73 -5.79 -0.50 25.52
C MET C 73 -4.31 -0.67 25.89
N GLY C 74 -3.58 0.43 26.05
CA GLY C 74 -2.16 0.33 26.38
C GLY C 74 -1.52 1.68 26.21
N TYR C 75 -0.21 1.81 26.42
CA TYR C 75 0.43 3.10 26.29
C TYR C 75 1.87 2.90 25.81
N ARG C 76 2.53 4.01 25.47
CA ARG C 76 3.91 3.99 25.03
C ARG C 76 4.78 5.04 25.75
N ALA C 77 5.98 4.65 26.13
CA ALA C 77 6.92 5.57 26.77
C ALA C 77 8.21 5.38 25.97
N GLY C 78 8.64 6.42 25.27
CA GLY C 78 9.89 6.30 24.52
C GLY C 78 9.78 5.27 23.39
N ASP C 79 10.67 4.29 23.37
CA ASP C 79 10.62 3.28 22.30
C ASP C 79 9.94 1.98 22.75
N THR C 80 9.27 2.02 23.89
CA THR C 80 8.60 0.85 24.47
C THR C 80 7.09 0.98 24.61
N SER C 81 6.36 0.00 24.09
CA SER C 81 4.91 -0.01 24.19
C SER C 81 4.55 -1.03 25.25
N TYR C 82 3.38 -0.82 25.86
CA TYR C 82 2.85 -1.69 26.90
C TYR C 82 1.39 -1.95 26.57
N PHE C 83 1.01 -3.21 26.36
CA PHE C 83 -0.39 -3.51 26.09
C PHE C 83 -0.96 -4.44 27.17
N PHE C 84 -2.26 -4.30 27.47
CA PHE C 84 -2.91 -5.19 28.45
C PHE C 84 -2.91 -6.62 27.93
N ASN C 85 -3.01 -7.58 28.84
CA ASN C 85 -2.97 -8.98 28.47
C ASN C 85 -4.36 -9.49 28.17
N GLU C 86 -4.91 -9.08 27.02
CA GLU C 86 -6.25 -9.50 26.62
C GLU C 86 -6.37 -9.29 25.11
N ALA C 87 -7.14 -10.15 24.43
CA ALA C 87 -7.25 -10.06 22.97
C ALA C 87 -7.58 -8.67 22.42
N SER C 88 -8.43 -7.92 23.09
CA SER C 88 -8.78 -6.62 22.60
C SER C 88 -7.57 -5.69 22.54
N ALA C 89 -6.66 -5.82 23.49
CA ALA C 89 -5.46 -4.96 23.45
C ALA C 89 -4.50 -5.51 22.36
N THR C 90 -4.44 -6.83 22.22
CA THR C 90 -3.59 -7.40 21.18
C THR C 90 -4.09 -6.86 19.81
N GLU C 91 -5.41 -6.70 19.64
CA GLU C 91 -5.98 -6.17 18.40
C GLU C 91 -5.53 -4.71 18.24
N ALA C 92 -5.65 -3.91 19.29
CA ALA C 92 -5.21 -2.52 19.23
C ALA C 92 -3.74 -2.43 18.79
N ALA C 93 -2.91 -3.36 19.26
CA ALA C 93 -1.49 -3.34 18.88
C ALA C 93 -1.21 -3.65 17.39
N LYS C 94 -2.23 -4.06 16.64
CA LYS C 94 -2.01 -4.32 15.24
C LYS C 94 -2.01 -2.95 14.52
N TYR C 95 -2.60 -1.95 15.17
CA TYR C 95 -2.73 -0.60 14.59
C TYR C 95 -1.97 0.59 15.16
N VAL C 96 -1.50 0.51 16.41
CA VAL C 96 -0.75 1.64 16.97
C VAL C 96 0.60 1.23 17.58
N PHE C 97 1.48 2.20 17.78
CA PHE C 97 2.82 1.96 18.36
C PHE C 97 3.58 0.86 17.58
N LYS C 98 3.25 0.67 16.30
CA LYS C 98 3.89 -0.37 15.51
C LYS C 98 5.41 -0.32 15.45
N ASP C 99 5.96 0.89 15.53
CA ASP C 99 7.41 1.08 15.44
C ASP C 99 8.14 1.02 16.79
N ALA C 100 7.42 0.73 17.86
CA ALA C 100 8.05 0.65 19.16
C ALA C 100 9.11 -0.42 19.05
N MET C 101 10.29 -0.16 19.63
CA MET C 101 11.40 -1.09 19.58
C MET C 101 11.21 -2.26 20.54
N ARG C 102 10.57 -2.01 21.67
CA ARG C 102 10.34 -3.02 22.70
C ARG C 102 8.85 -3.12 22.95
N LYS C 103 8.34 -4.35 23.05
CA LYS C 103 6.90 -4.58 23.27
C LYS C 103 6.64 -5.39 24.52
N VAL C 104 6.05 -4.79 25.54
CA VAL C 104 5.77 -5.54 26.75
C VAL C 104 4.27 -5.71 26.95
N THR C 105 3.91 -6.87 27.49
CA THR C 105 2.51 -7.21 27.77
C THR C 105 2.35 -7.03 29.26
N LEU C 106 1.44 -6.14 29.66
CA LEU C 106 1.19 -5.90 31.07
C LEU C 106 0.54 -7.20 31.56
N PRO C 107 1.01 -7.71 32.70
CA PRO C 107 0.48 -8.95 33.28
C PRO C 107 -0.97 -8.94 33.80
N TYR C 108 -1.84 -8.10 33.25
CA TYR C 108 -3.24 -8.11 33.70
C TYR C 108 -4.13 -7.53 32.61
N SER C 109 -5.42 -7.83 32.66
CA SER C 109 -6.33 -7.27 31.68
C SER C 109 -6.52 -5.83 32.11
N GLY C 110 -7.14 -5.02 31.28
CA GLY C 110 -7.30 -3.63 31.65
C GLY C 110 -8.63 -3.25 32.26
N ASN C 111 -9.22 -4.09 33.11
CA ASN C 111 -10.48 -3.71 33.73
C ASN C 111 -10.14 -3.41 35.20
N TYR C 112 -11.02 -2.69 35.91
CA TYR C 112 -10.74 -2.33 37.31
C TYR C 112 -10.66 -3.48 38.28
N GLU C 113 -11.35 -4.58 38.01
CA GLU C 113 -11.30 -5.70 38.96
C GLU C 113 -9.87 -6.27 39.00
N ARG C 114 -9.30 -6.45 37.81
CA ARG C 114 -7.96 -6.98 37.69
C ARG C 114 -6.90 -5.97 38.13
N LEU C 115 -7.09 -4.69 37.77
CA LEU C 115 -6.14 -3.65 38.13
C LEU C 115 -6.11 -3.43 39.65
N GLN C 116 -7.28 -3.44 40.28
CA GLN C 116 -7.39 -3.23 41.71
C GLN C 116 -6.68 -4.37 42.44
N THR C 117 -6.90 -5.59 41.98
CA THR C 117 -6.25 -6.73 42.59
C THR C 117 -4.74 -6.59 42.44
N ALA C 118 -4.26 -6.22 41.25
CA ALA C 118 -2.81 -6.06 41.06
C ALA C 118 -2.17 -4.94 41.91
N ALA C 119 -2.92 -3.86 42.14
CA ALA C 119 -2.43 -2.71 42.87
C ALA C 119 -2.61 -2.88 44.37
N GLY C 120 -3.52 -3.78 44.72
CA GLY C 120 -3.82 -4.03 46.11
C GLY C 120 -4.54 -2.85 46.72
N LYS C 121 -5.27 -2.12 45.88
CA LYS C 121 -6.02 -0.93 46.30
C LYS C 121 -7.24 -0.73 45.42
N ILE C 122 -8.32 -0.23 45.98
CA ILE C 122 -9.54 0.05 45.21
C ILE C 122 -9.56 1.56 44.86
N ARG C 123 -10.21 1.90 43.75
CA ARG C 123 -10.34 3.29 43.27
C ARG C 123 -10.72 4.28 44.36
N GLU C 124 -11.60 3.88 45.29
CA GLU C 124 -12.01 4.78 46.34
C GLU C 124 -10.82 5.35 47.11
N ASN C 125 -9.72 4.60 47.16
CA ASN C 125 -8.59 5.07 47.94
C ASN C 125 -7.38 5.57 47.18
N ILE C 126 -7.54 5.80 45.88
CA ILE C 126 -6.44 6.31 45.06
C ILE C 126 -6.71 7.76 44.66
N PRO C 127 -5.89 8.70 45.17
CA PRO C 127 -6.06 10.13 44.84
C PRO C 127 -6.04 10.45 43.34
N LEU C 128 -6.85 11.43 42.94
CA LEU C 128 -6.90 11.88 41.57
C LEU C 128 -6.61 13.37 41.65
N GLY C 129 -6.76 14.07 40.51
CA GLY C 129 -6.44 15.49 40.44
C GLY C 129 -5.25 15.63 39.51
N LEU C 130 -4.93 16.83 39.05
CA LEU C 130 -3.81 16.97 38.12
C LEU C 130 -2.45 16.49 38.65
N PRO C 131 -2.11 16.74 39.94
CA PRO C 131 -0.83 16.29 40.54
C PRO C 131 -0.76 14.76 40.58
N ALA C 132 -1.91 14.11 40.75
CA ALA C 132 -1.96 12.64 40.77
C ALA C 132 -1.68 12.13 39.35
N LEU C 133 -2.18 12.85 38.34
CA LEU C 133 -1.94 12.46 36.93
C LEU C 133 -0.44 12.65 36.59
N ASP C 134 0.17 13.77 37.06
CA ASP C 134 1.59 13.99 36.86
C ASP C 134 2.35 12.79 37.41
N SER C 135 2.00 12.36 38.64
CA SER C 135 2.64 11.19 39.25
C SER C 135 2.42 9.88 38.47
N ALA C 136 1.18 9.66 38.02
CA ALA C 136 0.90 8.44 37.27
C ALA C 136 1.75 8.41 35.98
N ILE C 137 1.90 9.55 35.32
CA ILE C 137 2.68 9.59 34.09
C ILE C 137 4.14 9.27 34.40
N THR C 138 4.65 9.81 35.50
CA THR C 138 6.03 9.58 35.85
C THR C 138 6.28 8.09 36.08
N THR C 139 5.38 7.45 36.82
CA THR C 139 5.48 6.03 37.15
C THR C 139 5.36 5.13 35.92
N LEU C 140 4.60 5.56 34.92
CA LEU C 140 4.44 4.75 33.72
C LEU C 140 5.60 5.00 32.74
N PHE C 141 6.11 6.23 32.73
CA PHE C 141 7.23 6.56 31.87
C PHE C 141 8.48 5.80 32.35
N TYR C 142 8.64 5.69 33.65
CA TYR C 142 9.74 4.93 34.28
C TYR C 142 9.08 3.63 34.79
N TYR C 143 8.50 2.89 33.87
CA TYR C 143 7.77 1.68 34.21
C TYR C 143 8.35 0.89 35.38
N ASN C 144 7.55 0.79 36.43
CA ASN C 144 7.90 0.02 37.61
C ASN C 144 6.70 -0.93 37.73
N ALA C 145 6.95 -2.21 37.49
CA ALA C 145 5.89 -3.22 37.48
C ALA C 145 4.97 -3.26 38.69
N ASN C 146 5.52 -3.01 39.89
CA ASN C 146 4.71 -3.09 41.09
C ASN C 146 3.91 -1.87 41.41
N SER C 147 4.11 -0.79 40.66
CA SER C 147 3.35 0.41 40.89
C SER C 147 2.54 0.84 39.66
N ALA C 148 2.65 0.09 38.56
CA ALA C 148 1.96 0.42 37.31
C ALA C 148 0.40 0.36 37.31
N ALA C 149 -0.14 -0.71 37.89
CA ALA C 149 -1.56 -0.97 37.99
C ALA C 149 -2.27 0.22 38.60
N SER C 150 -1.79 0.69 39.76
CA SER C 150 -2.39 1.86 40.36
C SER C 150 -2.27 3.11 39.47
N ALA C 151 -1.13 3.33 38.79
CA ALA C 151 -0.99 4.53 37.96
C ALA C 151 -1.93 4.48 36.79
N LEU C 152 -2.13 3.29 36.24
CA LEU C 152 -3.03 3.13 35.12
C LEU C 152 -4.49 3.46 35.52
N MET C 153 -4.89 3.15 36.76
CA MET C 153 -6.24 3.49 37.18
C MET C 153 -6.38 5.02 37.27
N VAL C 154 -5.31 5.68 37.68
CA VAL C 154 -5.35 7.15 37.74
C VAL C 154 -5.46 7.64 36.28
N LEU C 155 -4.66 7.03 35.40
CA LEU C 155 -4.65 7.39 34.01
C LEU C 155 -6.04 7.21 33.41
N ILE C 156 -6.57 6.01 33.59
CA ILE C 156 -7.88 5.70 33.04
C ILE C 156 -8.97 6.67 33.50
N GLN C 157 -9.01 6.97 34.78
CA GLN C 157 -10.06 7.91 35.27
C GLN C 157 -9.89 9.36 34.80
N SER C 158 -8.63 9.74 34.52
CA SER C 158 -8.30 11.09 34.08
C SER C 158 -8.51 11.32 32.57
N THR C 159 -8.85 10.26 31.83
CA THR C 159 -9.05 10.27 30.37
C THR C 159 -10.39 9.64 29.96
N SER C 160 -10.48 8.32 30.01
CA SER C 160 -11.73 7.63 29.67
C SER C 160 -12.92 8.09 30.53
N GLU C 161 -12.77 8.05 31.85
CA GLU C 161 -13.91 8.38 32.70
C GLU C 161 -14.28 9.83 32.56
N ALA C 162 -13.27 10.70 32.52
CA ALA C 162 -13.50 12.13 32.37
C ALA C 162 -14.18 12.44 31.05
N ALA C 163 -13.86 11.67 30.01
CA ALA C 163 -14.49 11.89 28.70
C ALA C 163 -15.96 11.47 28.78
N ARG C 164 -16.26 10.41 29.54
CA ARG C 164 -17.65 9.94 29.64
C ARG C 164 -18.54 10.82 30.50
N TYR C 165 -17.95 11.52 31.47
CA TYR C 165 -18.75 12.34 32.37
C TYR C 165 -18.24 13.74 32.66
N LYS C 166 -19.08 14.74 32.36
CA LYS C 166 -18.69 16.11 32.62
C LYS C 166 -18.37 16.33 34.10
N PHE C 167 -19.08 15.65 34.99
CA PHE C 167 -18.83 15.81 36.41
C PHE C 167 -17.45 15.32 36.77
N ILE C 168 -17.03 14.19 36.19
CA ILE C 168 -15.70 13.63 36.48
C ILE C 168 -14.62 14.59 35.94
N GLU C 169 -14.81 15.07 34.72
CA GLU C 169 -13.89 16.03 34.10
C GLU C 169 -13.72 17.26 35.02
N GLN C 170 -14.84 17.82 35.45
CA GLN C 170 -14.82 19.01 36.28
C GLN C 170 -14.14 18.77 37.63
N GLN C 171 -14.46 17.64 38.26
CA GLN C 171 -13.91 17.33 39.57
C GLN C 171 -12.40 17.12 39.46
N ILE C 172 -11.95 16.45 38.42
CA ILE C 172 -10.53 16.26 38.31
C ILE C 172 -9.79 17.55 37.92
N GLY C 173 -10.39 18.30 37.01
CA GLY C 173 -9.75 19.51 36.53
C GLY C 173 -9.72 20.64 37.54
N LYS C 174 -10.60 20.55 38.55
CA LYS C 174 -10.64 21.58 39.60
C LYS C 174 -9.41 21.45 40.52
N ARG C 175 -8.89 20.24 40.68
CA ARG C 175 -7.70 20.02 41.53
C ARG C 175 -6.42 20.23 40.71
N VAL C 176 -6.01 21.49 40.58
CA VAL C 176 -4.83 21.86 39.82
C VAL C 176 -3.55 21.72 40.65
N ASP C 177 -3.57 22.14 41.91
CA ASP C 177 -2.37 22.01 42.73
C ASP C 177 -2.47 21.04 43.92
N LYS C 178 -3.59 20.32 44.00
CA LYS C 178 -3.83 19.32 45.05
C LYS C 178 -4.46 18.07 44.43
N THR C 179 -4.48 16.96 45.18
CA THR C 179 -5.12 15.70 44.76
C THR C 179 -6.41 15.66 45.58
N PHE C 180 -7.18 14.61 45.42
CA PHE C 180 -8.39 14.42 46.21
C PHE C 180 -8.78 12.99 46.03
N LEU C 181 -9.40 12.42 47.06
CA LEU C 181 -9.91 11.04 46.95
C LEU C 181 -11.27 11.23 46.30
N PRO C 182 -11.55 10.44 45.24
CA PRO C 182 -12.84 10.59 44.54
C PRO C 182 -14.03 10.29 45.43
N SER C 183 -15.13 11.01 45.22
CA SER C 183 -16.34 10.79 46.00
C SER C 183 -17.00 9.50 45.50
N LEU C 184 -17.91 8.94 46.31
CA LEU C 184 -18.64 7.74 45.91
C LEU C 184 -19.39 8.05 44.61
N ALA C 185 -19.77 9.31 44.41
CA ALA C 185 -20.47 9.67 43.17
C ALA C 185 -19.61 9.36 41.98
N ILE C 186 -18.34 9.73 42.05
CA ILE C 186 -17.49 9.48 40.90
C ILE C 186 -17.42 7.99 40.60
N ILE C 187 -17.21 7.18 41.63
CA ILE C 187 -17.11 5.74 41.44
C ILE C 187 -18.41 5.13 40.91
N SER C 188 -19.53 5.65 41.40
CA SER C 188 -20.86 5.19 41.01
C SER C 188 -21.08 5.47 39.51
N LEU C 189 -20.72 6.69 39.10
CA LEU C 189 -20.87 7.11 37.70
C LEU C 189 -20.05 6.17 36.81
N GLU C 190 -18.81 5.91 37.23
CA GLU C 190 -17.94 5.04 36.46
C GLU C 190 -18.57 3.64 36.28
N ASN C 191 -18.97 3.03 37.39
CA ASN C 191 -19.54 1.71 37.36
C ASN C 191 -20.87 1.63 36.64
N SER C 192 -21.68 2.69 36.70
CA SER C 192 -23.01 2.62 36.09
C SER C 192 -23.06 3.09 34.65
N TRP C 193 -21.93 3.54 34.10
CA TRP C 193 -21.95 4.07 32.73
C TRP C 193 -22.56 3.13 31.72
N SER C 194 -22.08 1.90 31.67
CA SER C 194 -22.62 0.97 30.70
C SER C 194 -24.16 0.84 30.80
N ALA C 195 -24.65 0.56 32.00
CA ALA C 195 -26.08 0.41 32.21
C ALA C 195 -26.86 1.69 31.93
N LEU C 196 -26.31 2.83 32.34
CA LEU C 196 -27.00 4.10 32.16
C LEU C 196 -27.15 4.44 30.69
N SER C 197 -26.04 4.34 29.94
CA SER C 197 -26.05 4.62 28.51
C SER C 197 -27.15 3.79 27.87
N LYS C 198 -27.11 2.49 28.15
CA LYS C 198 -28.09 1.58 27.57
C LYS C 198 -29.53 1.98 27.90
N GLN C 199 -29.78 2.46 29.13
CA GLN C 199 -31.14 2.89 29.48
C GLN C 199 -31.49 4.18 28.73
N ILE C 200 -30.50 5.00 28.45
CA ILE C 200 -30.83 6.24 27.73
C ILE C 200 -31.19 5.87 26.28
N GLN C 201 -30.47 4.92 25.70
CA GLN C 201 -30.74 4.48 24.35
C GLN C 201 -32.14 3.85 24.34
N ILE C 202 -32.42 2.97 25.30
CA ILE C 202 -33.72 2.33 25.37
C ILE C 202 -34.83 3.36 25.66
N ALA C 203 -34.52 4.37 26.47
CA ALA C 203 -35.53 5.37 26.79
C ALA C 203 -36.03 6.05 25.52
N SER C 204 -35.16 6.17 24.53
CA SER C 204 -35.58 6.79 23.27
C SER C 204 -36.63 5.94 22.59
N THR C 205 -36.65 4.64 22.87
CA THR C 205 -37.66 3.76 22.28
C THR C 205 -38.85 3.55 23.23
N ASN C 206 -38.81 4.23 24.37
CA ASN C 206 -39.89 4.12 25.36
C ASN C 206 -40.41 5.53 25.81
N ASN C 207 -40.45 6.46 24.87
CA ASN C 207 -40.94 7.82 25.11
C ASN C 207 -40.24 8.55 26.27
N GLY C 208 -38.92 8.39 26.38
CA GLY C 208 -38.14 9.08 27.41
C GLY C 208 -38.03 8.39 28.78
N GLN C 209 -38.72 7.29 28.93
CA GLN C 209 -38.72 6.60 30.22
C GLN C 209 -37.83 5.36 30.24
N PHE C 210 -37.07 5.16 31.31
CA PHE C 210 -36.22 3.95 31.41
C PHE C 210 -37.09 2.72 31.59
N GLU C 211 -36.63 1.57 31.10
CA GLU C 211 -37.37 0.35 31.29
C GLU C 211 -36.87 -0.18 32.61
N SER C 212 -35.64 0.18 32.97
CA SER C 212 -35.07 -0.31 34.22
C SER C 212 -34.44 0.85 35.01
N PRO C 213 -34.86 1.04 36.26
CA PRO C 213 -34.29 2.14 37.05
C PRO C 213 -32.78 1.92 37.28
N VAL C 214 -32.00 3.01 37.34
CA VAL C 214 -30.56 2.89 37.60
C VAL C 214 -30.23 3.63 38.87
N VAL C 215 -29.69 2.94 39.88
CA VAL C 215 -29.35 3.59 41.15
C VAL C 215 -27.96 4.24 41.10
N LEU C 216 -27.87 5.52 41.47
CA LEU C 216 -26.59 6.24 41.46
C LEU C 216 -26.45 6.92 42.80
N ILE C 217 -25.22 7.31 43.10
CA ILE C 217 -24.91 8.06 44.32
C ILE C 217 -24.64 9.45 43.69
N ASN C 218 -25.31 10.48 44.19
CA ASN C 218 -25.11 11.81 43.61
C ASN C 218 -24.02 12.56 44.36
N ALA C 219 -23.77 13.81 43.95
CA ALA C 219 -22.73 14.64 44.54
C ALA C 219 -22.87 14.92 46.05
N GLN C 220 -24.08 14.83 46.58
CA GLN C 220 -24.29 15.08 47.99
C GLN C 220 -24.23 13.74 48.70
N ASN C 221 -23.74 12.72 47.99
CA ASN C 221 -23.62 11.38 48.55
C ASN C 221 -24.93 10.67 48.85
N GLN C 222 -25.99 11.05 48.13
CA GLN C 222 -27.30 10.46 48.33
C GLN C 222 -27.48 9.36 47.32
N ARG C 223 -28.06 8.26 47.77
CA ARG C 223 -28.34 7.10 46.91
C ARG C 223 -29.68 7.41 46.23
N VAL C 224 -29.61 7.75 44.94
CA VAL C 224 -30.77 8.16 44.15
C VAL C 224 -31.05 7.24 42.94
N THR C 225 -32.26 7.29 42.39
CA THR C 225 -32.58 6.42 41.28
C THR C 225 -33.01 7.22 40.05
N ILE C 226 -32.40 6.89 38.91
CA ILE C 226 -32.72 7.54 37.64
C ILE C 226 -33.70 6.67 36.84
N THR C 227 -34.79 7.28 36.38
CA THR C 227 -35.86 6.58 35.67
C THR C 227 -36.35 7.24 34.38
N ASN C 228 -35.83 8.42 34.05
CA ASN C 228 -36.25 9.11 32.84
C ASN C 228 -35.14 10.03 32.34
N VAL C 229 -35.22 10.46 31.07
CA VAL C 229 -34.20 11.31 30.48
C VAL C 229 -34.20 12.77 30.93
N ASP C 230 -35.05 13.13 31.89
CA ASP C 230 -35.05 14.49 32.41
C ASP C 230 -34.14 14.60 33.66
N ALA C 231 -33.54 13.49 34.07
CA ALA C 231 -32.64 13.53 35.23
C ALA C 231 -31.39 14.41 34.96
N GLY C 232 -30.86 15.06 35.98
CA GLY C 232 -29.68 15.88 35.78
C GLY C 232 -28.50 15.07 35.18
N VAL C 233 -28.34 13.81 35.58
CA VAL C 233 -27.23 13.01 35.05
C VAL C 233 -27.35 12.82 33.54
N VAL C 234 -28.57 12.84 33.04
CA VAL C 234 -28.77 12.68 31.61
C VAL C 234 -28.61 14.00 30.83
N THR C 235 -29.14 15.08 31.37
CA THR C 235 -29.13 16.36 30.70
C THR C 235 -27.89 17.22 30.90
N SER C 236 -27.21 17.03 32.03
CA SER C 236 -26.06 17.87 32.35
C SER C 236 -24.83 17.12 32.87
N ASN C 237 -24.61 15.90 32.43
CA ASN C 237 -23.45 15.19 32.96
C ASN C 237 -22.91 14.17 31.94
N ILE C 238 -23.58 13.04 31.73
CA ILE C 238 -23.06 12.06 30.77
C ILE C 238 -22.73 12.74 29.39
N ALA C 239 -21.59 12.41 28.80
CA ALA C 239 -21.19 13.04 27.53
C ALA C 239 -20.98 12.08 26.39
N LEU C 240 -21.11 10.79 26.67
CA LEU C 240 -20.93 9.78 25.64
C LEU C 240 -21.84 8.58 25.94
N LEU C 241 -22.45 8.03 24.90
CA LEU C 241 -23.31 6.87 25.05
C LEU C 241 -22.62 5.68 24.35
N MET D 1 24.21 10.91 23.11
CA MET D 1 24.67 9.93 22.15
C MET D 1 25.60 10.59 21.13
N ASP D 2 26.88 10.22 21.08
CA ASP D 2 27.81 10.80 20.09
C ASP D 2 27.67 10.08 18.74
N VAL D 3 28.18 10.72 17.70
CA VAL D 3 28.19 10.15 16.35
C VAL D 3 29.52 10.59 15.73
N SER D 4 30.05 9.78 14.84
CA SER D 4 31.33 10.07 14.17
C SER D 4 31.24 9.87 12.68
N PHE D 5 32.03 10.62 11.93
CA PHE D 5 32.04 10.55 10.47
C PHE D 5 33.46 10.80 10.01
N ARG D 6 33.94 9.98 9.09
CA ARG D 6 35.29 10.10 8.54
C ARG D 6 35.22 10.48 7.07
N LEU D 7 35.95 11.52 6.67
CA LEU D 7 35.96 11.91 5.25
C LEU D 7 36.79 10.94 4.39
N SER D 8 37.81 10.34 4.96
CA SER D 8 38.62 9.41 4.20
C SER D 8 37.78 8.17 3.77
N GLY D 9 37.65 8.00 2.46
CA GLY D 9 36.89 6.88 1.94
C GLY D 9 35.37 7.12 1.93
N ALA D 10 34.96 8.34 2.27
CA ALA D 10 33.54 8.68 2.37
C ALA D 10 32.83 8.58 1.03
N THR D 11 31.55 8.18 1.11
CA THR D 11 30.71 8.05 -0.07
C THR D 11 29.37 8.73 0.22
N SER D 12 28.55 8.89 -0.80
CA SER D 12 27.25 9.49 -0.60
C SER D 12 26.54 8.61 0.41
N SER D 13 26.73 7.30 0.26
CA SER D 13 26.12 6.35 1.18
C SER D 13 26.61 6.53 2.63
N SER D 14 27.92 6.69 2.83
CA SER D 14 28.41 6.83 4.20
C SER D 14 28.00 8.16 4.81
N TYR D 15 27.82 9.18 3.98
CA TYR D 15 27.41 10.47 4.54
C TYR D 15 25.94 10.32 4.99
N GLY D 16 25.15 9.57 4.22
CA GLY D 16 23.77 9.37 4.58
C GLY D 16 23.66 8.63 5.89
N VAL D 17 24.51 7.63 6.10
CA VAL D 17 24.48 6.88 7.35
C VAL D 17 24.77 7.81 8.51
N PHE D 18 25.76 8.66 8.34
CA PHE D 18 26.15 9.60 9.37
C PHE D 18 24.99 10.53 9.77
N ILE D 19 24.35 11.13 8.77
CA ILE D 19 23.25 12.06 9.03
C ILE D 19 22.07 11.29 9.66
N SER D 20 21.79 10.08 9.18
CA SER D 20 20.72 9.27 9.76
C SER D 20 21.10 9.01 11.23
N ASN D 21 22.36 8.67 11.51
CA ASN D 21 22.74 8.43 12.89
C ASN D 21 22.69 9.73 13.71
N LEU D 22 23.01 10.87 13.10
CA LEU D 22 22.96 12.13 13.86
C LEU D 22 21.51 12.34 14.30
N ARG D 23 20.57 12.18 13.37
CA ARG D 23 19.14 12.35 13.67
C ARG D 23 18.67 11.44 14.83
N LYS D 24 19.09 10.18 14.79
CA LYS D 24 18.73 9.19 15.81
C LYS D 24 19.34 9.51 17.16
N ALA D 25 20.47 10.22 17.14
CA ALA D 25 21.15 10.58 18.37
C ALA D 25 20.33 11.54 19.22
N LEU D 26 19.50 12.35 18.58
CA LEU D 26 18.70 13.33 19.31
C LEU D 26 17.45 12.69 19.90
N PRO D 27 17.32 12.78 21.23
CA PRO D 27 16.14 12.17 21.84
C PRO D 27 14.85 12.80 21.29
N ASN D 28 13.80 12.03 21.10
CA ASN D 28 12.59 12.72 20.69
C ASN D 28 11.39 12.43 21.59
N GLU D 29 10.45 13.35 21.61
CA GLU D 29 9.24 13.15 22.40
C GLU D 29 8.41 12.06 21.70
N ARG D 30 8.23 12.22 20.39
CA ARG D 30 7.45 11.29 19.56
C ARG D 30 7.55 11.83 18.12
N LYS D 31 6.68 11.39 17.23
CA LYS D 31 6.72 11.91 15.85
C LYS D 31 5.40 12.63 15.50
N LEU D 32 5.49 13.79 14.85
CA LEU D 32 4.29 14.52 14.43
C LEU D 32 4.35 14.45 12.92
N TYR D 33 3.29 13.99 12.28
CA TYR D 33 3.30 13.84 10.83
C TYR D 33 4.55 12.99 10.44
N ASP D 34 4.89 12.03 11.28
CA ASP D 34 6.04 11.16 11.07
C ASP D 34 7.43 11.84 11.08
N ILE D 35 7.48 13.10 11.56
CA ILE D 35 8.74 13.83 11.68
C ILE D 35 9.13 13.85 13.17
N PRO D 36 10.33 13.32 13.52
CA PRO D 36 10.70 13.34 14.95
C PRO D 36 10.54 14.74 15.58
N LEU D 37 9.90 14.79 16.74
CA LEU D 37 9.70 16.03 17.51
C LEU D 37 10.72 15.97 18.65
N LEU D 38 11.67 16.89 18.61
CA LEU D 38 12.73 16.92 19.60
C LEU D 38 12.20 17.30 20.97
N ARG D 39 12.83 16.75 22.01
CA ARG D 39 12.45 17.02 23.38
C ARG D 39 12.61 18.51 23.57
N SER D 40 11.64 19.13 24.23
CA SER D 40 11.76 20.57 24.41
C SER D 40 12.69 20.94 25.57
N SER D 41 12.93 20.04 26.52
CA SER D 41 13.86 20.37 27.58
C SER D 41 14.55 19.14 28.21
N LEU D 42 15.83 19.30 28.48
CA LEU D 42 16.62 18.24 29.09
C LEU D 42 17.62 18.85 30.05
N PRO D 43 17.97 18.12 31.11
CA PRO D 43 18.95 18.66 32.04
C PRO D 43 20.27 18.78 31.28
N GLY D 44 21.11 19.70 31.75
CA GLY D 44 22.39 19.94 31.14
C GLY D 44 23.22 18.72 30.76
N SER D 45 23.33 17.74 31.65
CA SER D 45 24.16 16.58 31.34
C SER D 45 23.59 15.67 30.24
N GLN D 46 22.36 15.95 29.84
CA GLN D 46 21.65 15.17 28.81
C GLN D 46 21.40 15.96 27.55
N ARG D 47 21.65 17.27 27.65
CA ARG D 47 21.37 18.22 26.58
C ARG D 47 22.34 18.32 25.39
N TYR D 48 23.59 17.93 25.58
CA TYR D 48 24.55 18.06 24.50
C TYR D 48 25.14 16.74 24.01
N ALA D 49 25.31 16.64 22.69
CA ALA D 49 25.90 15.48 22.03
C ALA D 49 27.12 16.01 21.28
N LEU D 50 28.07 15.11 21.04
CA LEU D 50 29.28 15.46 20.31
C LEU D 50 29.32 14.71 18.98
N ILE D 51 29.76 15.40 17.95
CA ILE D 51 29.93 14.85 16.61
C ILE D 51 31.45 14.90 16.38
N HIS D 52 32.07 13.75 16.12
CA HIS D 52 33.51 13.66 15.91
C HIS D 52 33.74 13.54 14.42
N LEU D 53 34.34 14.56 13.85
CA LEU D 53 34.59 14.63 12.42
C LEU D 53 36.06 14.52 12.15
N THR D 54 36.48 13.50 11.37
CA THR D 54 37.88 13.28 11.04
C THR D 54 38.13 13.55 9.55
N ASN D 55 39.06 14.44 9.21
CA ASN D 55 39.29 14.78 7.79
C ASN D 55 40.22 13.85 6.99
N TYR D 56 40.48 14.16 5.71
CA TYR D 56 41.33 13.29 4.89
C TYR D 56 42.70 13.10 5.52
N ALA D 57 43.19 14.18 6.11
CA ALA D 57 44.49 14.18 6.75
C ALA D 57 44.46 13.55 8.15
N ASP D 58 43.37 12.86 8.47
CA ASP D 58 43.24 12.19 9.76
C ASP D 58 43.27 13.09 11.00
N GLU D 59 42.82 14.33 10.86
CA GLU D 59 42.77 15.27 11.99
C GLU D 59 41.30 15.32 12.41
N THR D 60 41.06 15.34 13.72
CA THR D 60 39.69 15.32 14.24
C THR D 60 39.28 16.54 15.07
N ILE D 61 38.02 16.95 14.93
CA ILE D 61 37.48 18.00 15.78
C ILE D 61 36.21 17.39 16.37
N SER D 62 35.81 17.82 17.56
CA SER D 62 34.56 17.32 18.16
C SER D 62 33.62 18.52 18.20
N VAL D 63 32.42 18.34 17.67
CA VAL D 63 31.46 19.42 17.59
C VAL D 63 30.33 19.20 18.58
N ALA D 64 30.03 20.24 19.37
CA ALA D 64 28.97 20.14 20.35
C ALA D 64 27.64 20.68 19.84
N ILE D 65 26.60 19.86 19.95
CA ILE D 65 25.28 20.28 19.51
C ILE D 65 24.28 20.19 20.67
N ASP D 66 23.29 21.07 20.62
CA ASP D 66 22.20 21.13 21.59
C ASP D 66 21.19 20.19 20.97
N VAL D 67 20.91 19.05 21.60
CA VAL D 67 20.00 18.08 21.03
C VAL D 67 18.50 18.45 20.99
N THR D 68 18.11 19.53 21.66
CA THR D 68 16.71 19.96 21.65
C THR D 68 16.37 20.83 20.43
N ASN D 69 17.40 21.36 19.76
CA ASN D 69 17.17 22.20 18.60
C ASN D 69 18.21 22.11 17.49
N VAL D 70 19.12 21.13 17.58
CA VAL D 70 20.16 20.89 16.57
C VAL D 70 21.22 21.98 16.33
N TYR D 71 21.19 23.07 17.09
CA TYR D 71 22.18 24.13 16.90
C TYR D 71 23.54 23.75 17.47
N ILE D 72 24.60 24.14 16.74
CA ILE D 72 25.97 23.89 17.15
C ILE D 72 26.32 24.91 18.21
N MET D 73 26.93 24.46 19.31
CA MET D 73 27.30 25.35 20.40
C MET D 73 28.75 25.78 20.30
N GLY D 74 29.58 24.90 19.77
CA GLY D 74 30.98 25.20 19.57
C GLY D 74 31.71 23.91 19.16
N TYR D 75 33.04 23.91 19.24
CA TYR D 75 33.84 22.71 18.90
C TYR D 75 35.20 22.70 19.58
N ARG D 76 35.87 21.55 19.51
CA ARG D 76 37.17 21.40 20.10
C ARG D 76 38.15 20.85 19.09
N ALA D 77 39.37 21.37 19.15
CA ALA D 77 40.45 20.91 18.30
C ALA D 77 41.61 20.76 19.27
N GLY D 78 42.00 19.52 19.53
CA GLY D 78 43.13 19.30 20.40
C GLY D 78 42.90 19.86 21.79
N ASP D 79 43.83 20.67 22.28
CA ASP D 79 43.74 21.25 23.63
C ASP D 79 42.89 22.52 23.73
N THR D 80 42.17 22.88 22.67
CA THR D 80 41.38 24.12 22.69
C THR D 80 39.90 23.99 22.33
N SER D 81 39.04 24.66 23.09
CA SER D 81 37.61 24.65 22.80
C SER D 81 37.28 26.03 22.24
N TYR D 82 36.22 26.11 21.47
CA TYR D 82 35.78 27.35 20.84
C TYR D 82 34.27 27.35 20.94
N PHE D 83 33.71 28.36 21.59
CA PHE D 83 32.25 28.47 21.73
C PHE D 83 31.73 29.77 21.10
N PHE D 84 30.56 29.71 20.47
CA PHE D 84 29.98 30.90 19.88
C PHE D 84 29.74 31.90 21.01
N ASN D 85 29.79 33.18 20.67
CA ASN D 85 29.57 34.26 21.61
C ASN D 85 28.05 34.48 21.74
N GLU D 86 27.40 33.59 22.51
CA GLU D 86 25.97 33.70 22.74
C GLU D 86 25.55 32.92 23.95
N ALA D 87 24.42 33.30 24.54
CA ALA D 87 23.95 32.68 25.76
C ALA D 87 23.86 31.17 25.78
N SER D 88 23.31 30.56 24.74
CA SER D 88 23.16 29.11 24.70
C SER D 88 24.52 28.41 24.70
N ALA D 89 25.51 29.05 24.11
CA ALA D 89 26.83 28.45 24.05
C ALA D 89 27.52 28.61 25.41
N THR D 90 27.26 29.72 26.07
CA THR D 90 27.87 29.91 27.37
C THR D 90 27.31 28.87 28.34
N GLU D 91 26.04 28.54 28.18
CA GLU D 91 25.40 27.54 29.03
C GLU D 91 26.01 26.15 28.72
N ALA D 92 26.18 25.85 27.43
CA ALA D 92 26.75 24.57 27.02
C ALA D 92 28.16 24.39 27.58
N ALA D 93 28.91 25.50 27.65
CA ALA D 93 30.29 25.48 28.17
C ALA D 93 30.36 25.00 29.61
N LYS D 94 29.24 24.95 30.29
CA LYS D 94 29.23 24.48 31.67
C LYS D 94 29.13 22.95 31.68
N TYR D 95 28.95 22.35 30.50
CA TYR D 95 28.79 20.90 30.42
C TYR D 95 29.70 20.16 29.43
N VAL D 96 30.35 20.89 28.54
CA VAL D 96 31.17 20.26 27.51
C VAL D 96 32.55 20.89 27.39
N PHE D 97 33.55 20.07 27.03
CA PHE D 97 34.94 20.49 26.83
C PHE D 97 35.49 21.21 28.04
N LYS D 98 34.96 20.93 29.20
CA LYS D 98 35.40 21.59 30.43
C LYS D 98 36.88 21.42 30.78
N ASP D 99 37.50 20.33 30.34
CA ASP D 99 38.91 20.09 30.64
C ASP D 99 39.87 20.57 29.51
N ALA D 100 39.35 21.39 28.59
CA ALA D 100 40.19 21.92 27.53
C ALA D 100 41.20 22.88 28.18
N MET D 101 42.47 22.75 27.82
CA MET D 101 43.51 23.61 28.37
C MET D 101 43.24 25.08 28.05
N ARG D 102 42.83 25.38 26.84
CA ARG D 102 42.54 26.76 26.47
C ARG D 102 41.12 26.84 26.03
N LYS D 103 40.42 27.89 26.44
CA LYS D 103 39.03 28.06 26.04
C LYS D 103 38.85 29.39 25.32
N VAL D 104 38.45 29.34 24.07
CA VAL D 104 38.22 30.54 23.27
C VAL D 104 36.73 30.79 23.04
N THR D 105 36.30 32.02 23.25
CA THR D 105 34.94 32.41 22.96
C THR D 105 35.12 33.09 21.59
N LEU D 106 34.46 32.52 20.57
CA LEU D 106 34.51 33.03 19.21
C LEU D 106 34.06 34.48 19.20
N PRO D 107 34.52 35.24 18.22
CA PRO D 107 34.11 36.64 18.19
C PRO D 107 32.60 36.80 18.07
N TYR D 108 31.98 35.94 17.27
CA TYR D 108 30.58 36.04 16.94
C TYR D 108 29.64 34.95 17.45
N SER D 109 28.35 35.18 17.29
CA SER D 109 27.32 34.21 17.64
C SER D 109 27.18 33.22 16.46
N GLY D 110 26.34 32.20 16.60
CA GLY D 110 26.20 31.22 15.52
C GLY D 110 25.13 31.52 14.49
N ASN D 111 24.63 32.74 14.55
CA ASN D 111 23.60 33.20 13.63
C ASN D 111 24.21 33.43 12.24
N TYR D 112 23.48 33.04 11.18
CA TYR D 112 23.96 33.24 9.80
C TYR D 112 24.28 34.68 9.37
N GLU D 113 23.45 35.67 9.74
CA GLU D 113 23.77 37.05 9.34
C GLU D 113 25.06 37.52 10.03
N ARG D 114 25.29 37.09 11.27
CA ARG D 114 26.51 37.44 11.94
C ARG D 114 27.68 36.75 11.27
N LEU D 115 27.50 35.46 11.02
CA LEU D 115 28.55 34.68 10.40
C LEU D 115 28.95 35.24 9.03
N GLN D 116 27.98 35.60 8.22
CA GLN D 116 28.24 36.13 6.90
C GLN D 116 28.96 37.46 6.99
N THR D 117 28.58 38.28 7.97
CA THR D 117 29.24 39.56 8.16
C THR D 117 30.68 39.32 8.58
N ALA D 118 30.88 38.39 9.51
CA ALA D 118 32.24 38.08 9.95
C ALA D 118 33.08 37.53 8.79
N ALA D 119 32.47 36.74 7.91
CA ALA D 119 33.22 36.15 6.80
C ALA D 119 33.38 37.11 5.63
N GLY D 120 32.45 38.06 5.48
CA GLY D 120 32.52 38.98 4.36
C GLY D 120 32.06 38.27 3.11
N LYS D 121 31.33 37.17 3.32
CA LYS D 121 30.79 36.33 2.26
C LYS D 121 29.37 35.84 2.61
N ILE D 122 28.58 35.55 1.58
CA ILE D 122 27.24 34.99 1.83
C ILE D 122 27.25 33.52 1.47
N ARG D 123 26.36 32.74 2.06
CA ARG D 123 26.32 31.29 1.81
C ARG D 123 26.20 30.85 0.35
N GLU D 124 25.45 31.60 -0.46
CA GLU D 124 25.30 31.27 -1.87
C GLU D 124 26.67 31.18 -2.55
N ASN D 125 27.67 31.84 -2.01
CA ASN D 125 28.97 31.77 -2.65
C ASN D 125 30.00 30.88 -1.97
N ILE D 126 29.56 30.14 -0.96
CA ILE D 126 30.50 29.28 -0.26
C ILE D 126 30.30 27.83 -0.67
N PRO D 127 31.27 27.24 -1.37
CA PRO D 127 31.09 25.85 -1.79
C PRO D 127 30.82 24.87 -0.65
N LEU D 128 29.96 23.88 -0.95
CA LEU D 128 29.58 22.79 -0.07
C LEU D 128 29.93 21.48 -0.80
N GLY D 129 29.68 20.35 -0.15
CA GLY D 129 30.02 19.04 -0.69
C GLY D 129 31.05 18.41 0.24
N LEU D 130 31.37 17.11 0.09
CA LEU D 130 32.32 16.47 1.04
C LEU D 130 33.76 17.10 1.08
N PRO D 131 34.38 17.39 -0.09
CA PRO D 131 35.74 17.98 -0.09
C PRO D 131 35.69 19.34 0.68
N ALA D 132 34.54 20.00 0.63
CA ALA D 132 34.40 21.30 1.30
C ALA D 132 34.29 21.08 2.81
N LEU D 133 33.62 20.03 3.23
CA LEU D 133 33.53 19.74 4.65
C LEU D 133 34.96 19.39 5.07
N ASP D 134 35.64 18.56 4.28
CA ASP D 134 37.02 18.20 4.61
C ASP D 134 37.80 19.48 4.87
N SER D 135 37.72 20.41 3.91
CA SER D 135 38.46 21.65 4.04
C SER D 135 38.07 22.49 5.27
N ALA D 136 36.78 22.61 5.59
CA ALA D 136 36.39 23.39 6.76
C ALA D 136 36.93 22.73 8.03
N ILE D 137 36.93 21.41 8.08
CA ILE D 137 37.46 20.73 9.25
C ILE D 137 38.90 21.08 9.40
N THR D 138 39.66 21.04 8.31
CA THR D 138 41.08 21.39 8.41
C THR D 138 41.25 22.82 8.92
N THR D 139 40.52 23.75 8.32
CA THR D 139 40.58 25.15 8.72
C THR D 139 40.23 25.39 10.19
N LEU D 140 39.25 24.66 10.74
CA LEU D 140 38.86 24.84 12.13
C LEU D 140 39.84 24.13 13.07
N PHE D 141 40.37 22.98 12.64
CA PHE D 141 41.35 22.26 13.44
C PHE D 141 42.56 23.20 13.64
N TYR D 142 42.89 23.98 12.62
CA TYR D 142 44.01 24.93 12.68
C TYR D 142 43.40 26.33 12.72
N TYR D 143 42.55 26.54 13.71
CA TYR D 143 41.85 27.81 13.86
C TYR D 143 42.62 29.08 13.50
N ASN D 144 42.00 29.91 12.67
CA ASN D 144 42.57 31.19 12.29
C ASN D 144 41.38 32.14 12.35
N ALA D 145 41.47 33.14 13.22
CA ALA D 145 40.38 34.08 13.41
C ALA D 145 39.72 34.62 12.16
N ASN D 146 40.47 34.79 11.07
CA ASN D 146 39.88 35.36 9.86
C ASN D 146 39.40 34.39 8.76
N SER D 147 39.43 33.09 9.03
CA SER D 147 38.92 32.14 8.03
C SER D 147 37.87 31.20 8.69
N ALA D 148 37.76 31.24 10.01
CA ALA D 148 36.83 30.34 10.73
C ALA D 148 35.35 30.56 10.47
N ALA D 149 34.94 31.82 10.29
CA ALA D 149 33.51 32.08 10.12
C ALA D 149 32.96 31.34 8.90
N SER D 150 33.66 31.45 7.77
CA SER D 150 33.21 30.78 6.56
C SER D 150 33.22 29.24 6.74
N ALA D 151 34.24 28.69 7.43
CA ALA D 151 34.30 27.23 7.65
C ALA D 151 33.18 26.78 8.62
N LEU D 152 32.80 27.62 9.57
CA LEU D 152 31.73 27.27 10.51
C LEU D 152 30.38 27.23 9.76
N MET D 153 30.22 28.06 8.73
CA MET D 153 28.99 28.03 7.96
C MET D 153 28.97 26.73 7.14
N VAL D 154 30.10 26.31 6.58
CA VAL D 154 30.11 25.02 5.86
C VAL D 154 29.79 23.90 6.88
N LEU D 155 30.41 23.98 8.05
CA LEU D 155 30.24 22.97 9.10
C LEU D 155 28.81 22.84 9.57
N ILE D 156 28.15 23.97 9.86
CA ILE D 156 26.76 23.97 10.30
C ILE D 156 25.85 23.35 9.22
N GLN D 157 26.00 23.83 8.00
CA GLN D 157 25.17 23.32 6.91
C GLN D 157 25.36 21.83 6.65
N SER D 158 26.57 21.35 6.86
CA SER D 158 26.86 19.95 6.59
C SER D 158 26.45 19.03 7.73
N THR D 159 26.03 19.63 8.84
CA THR D 159 25.65 18.80 9.98
C THR D 159 24.23 19.14 10.45
N SER D 160 24.08 20.28 11.09
CA SER D 160 22.77 20.70 11.59
C SER D 160 21.73 20.80 10.49
N GLU D 161 22.06 21.47 9.39
CA GLU D 161 21.04 21.65 8.35
C GLU D 161 20.78 20.37 7.57
N ALA D 162 21.82 19.55 7.39
CA ALA D 162 21.67 18.28 6.70
C ALA D 162 20.76 17.40 7.56
N ALA D 163 20.89 17.51 8.87
CA ALA D 163 20.05 16.70 9.78
C ALA D 163 18.62 17.19 9.71
N ARG D 164 18.45 18.49 9.61
CA ARG D 164 17.12 19.07 9.56
C ARG D 164 16.30 18.83 8.30
N TYR D 165 16.98 18.68 7.17
CA TYR D 165 16.33 18.54 5.87
C TYR D 165 16.87 17.43 4.97
N LYS D 166 16.03 16.50 4.56
CA LYS D 166 16.50 15.44 3.64
C LYS D 166 17.06 16.01 2.33
N PHE D 167 16.52 17.15 1.88
CA PHE D 167 17.00 17.74 0.63
C PHE D 167 18.46 18.19 0.74
N ILE D 168 18.80 18.85 1.84
CA ILE D 168 20.16 19.34 2.07
C ILE D 168 21.11 18.13 2.23
N GLU D 169 20.69 17.13 3.01
CA GLU D 169 21.48 15.91 3.22
C GLU D 169 21.86 15.33 1.85
N GLN D 170 20.82 15.12 1.04
CA GLN D 170 20.97 14.58 -0.30
C GLN D 170 21.88 15.45 -1.21
N GLN D 171 21.64 16.75 -1.20
CA GLN D 171 22.43 17.66 -2.00
C GLN D 171 23.92 17.63 -1.62
N ILE D 172 24.22 17.68 -0.32
CA ILE D 172 25.62 17.67 0.10
C ILE D 172 26.32 16.33 -0.14
N GLY D 173 25.67 15.23 0.20
CA GLY D 173 26.28 13.92 0.03
C GLY D 173 26.50 13.46 -1.40
N LYS D 174 25.84 14.14 -2.34
CA LYS D 174 25.93 13.82 -3.77
C LYS D 174 27.26 14.34 -4.36
N ARG D 175 27.85 15.32 -3.67
CA ARG D 175 29.12 15.92 -4.10
C ARG D 175 30.22 15.22 -3.29
N VAL D 176 30.75 14.13 -3.83
CA VAL D 176 31.77 13.33 -3.18
C VAL D 176 33.19 13.77 -3.52
N ASP D 177 33.43 13.98 -4.82
CA ASP D 177 34.75 14.35 -5.31
C ASP D 177 34.73 15.73 -5.92
N LYS D 178 33.73 16.51 -5.58
CA LYS D 178 33.63 17.86 -6.13
C LYS D 178 32.81 18.72 -5.18
N THR D 179 32.67 19.99 -5.52
CA THR D 179 31.88 20.91 -4.72
C THR D 179 30.81 21.59 -5.56
N PHE D 180 29.93 22.32 -4.91
CA PHE D 180 28.83 23.04 -5.56
C PHE D 180 28.44 24.24 -4.71
N LEU D 181 27.92 25.28 -5.35
CA LEU D 181 27.46 26.45 -4.60
C LEU D 181 26.03 26.12 -4.25
N PRO D 182 25.62 26.34 -2.99
CA PRO D 182 24.23 25.99 -2.69
C PRO D 182 23.18 26.82 -3.44
N SER D 183 22.11 26.16 -3.88
CA SER D 183 20.99 26.82 -4.57
C SER D 183 20.17 27.66 -3.59
N LEU D 184 19.36 28.58 -4.10
CA LEU D 184 18.53 29.43 -3.24
C LEU D 184 17.58 28.60 -2.37
N ALA D 185 17.13 27.46 -2.89
CA ALA D 185 16.24 26.61 -2.11
C ALA D 185 16.91 26.21 -0.78
N ILE D 186 18.18 25.82 -0.85
CA ILE D 186 18.92 25.42 0.35
C ILE D 186 19.03 26.53 1.39
N ILE D 187 19.40 27.72 0.95
CA ILE D 187 19.56 28.86 1.85
C ILE D 187 18.18 29.19 2.45
N SER D 188 17.13 29.09 1.64
CA SER D 188 15.76 29.40 2.09
C SER D 188 15.27 28.39 3.14
N LEU D 189 15.61 27.11 2.98
CA LEU D 189 15.22 26.08 3.96
C LEU D 189 15.91 26.36 5.30
N GLU D 190 17.21 26.71 5.24
CA GLU D 190 17.99 27.06 6.42
C GLU D 190 17.41 28.29 7.14
N ASN D 191 16.98 29.30 6.38
CA ASN D 191 16.45 30.51 6.99
C ASN D 191 15.10 30.25 7.63
N SER D 192 14.37 29.29 7.06
CA SER D 192 13.00 29.00 7.50
C SER D 192 12.74 27.82 8.44
N TRP D 193 13.77 27.05 8.75
CA TRP D 193 13.58 25.89 9.62
C TRP D 193 12.84 26.21 10.91
N SER D 194 13.30 27.25 11.58
CA SER D 194 12.67 27.65 12.83
C SER D 194 11.18 27.93 12.67
N ALA D 195 10.83 28.72 11.65
CA ALA D 195 9.44 29.06 11.41
C ALA D 195 8.64 27.80 11.02
N LEU D 196 9.20 26.98 10.13
CA LEU D 196 8.49 25.78 9.76
C LEU D 196 8.25 24.86 10.95
N SER D 197 9.24 24.70 11.82
CA SER D 197 9.03 23.83 12.97
C SER D 197 7.85 24.36 13.78
N LYS D 198 7.90 25.65 14.07
CA LYS D 198 6.82 26.26 14.84
C LYS D 198 5.46 26.08 14.19
N GLN D 199 5.40 26.34 12.88
CA GLN D 199 4.13 26.26 12.17
C GLN D 199 3.57 24.86 12.06
N ILE D 200 4.44 23.88 11.85
CA ILE D 200 4.02 22.49 11.77
C ILE D 200 3.44 22.05 13.13
N GLN D 201 4.02 22.53 14.24
CA GLN D 201 3.49 22.16 15.54
C GLN D 201 2.14 22.84 15.79
N ILE D 202 2.03 24.10 15.37
CA ILE D 202 0.77 24.81 15.51
C ILE D 202 -0.30 24.09 14.69
N ALA D 203 0.09 23.72 13.46
CA ALA D 203 -0.82 23.05 12.53
C ALA D 203 -1.45 21.74 13.03
N SER D 204 -0.73 21.00 13.87
CA SER D 204 -1.24 19.72 14.35
C SER D 204 -2.52 19.90 15.18
N THR D 205 -2.77 21.12 15.70
CA THR D 205 -4.01 21.35 16.42
C THR D 205 -4.83 22.48 15.74
N ASN D 206 -4.50 22.75 14.47
CA ASN D 206 -5.18 23.79 13.68
C ASN D 206 -5.60 23.24 12.29
N ASN D 207 -6.13 22.02 12.26
CA ASN D 207 -6.61 21.38 11.03
C ASN D 207 -5.55 21.37 9.89
N GLY D 208 -4.28 21.19 10.28
CA GLY D 208 -3.22 21.13 9.29
C GLY D 208 -2.80 22.47 8.74
N GLN D 209 -3.40 23.56 9.22
CA GLN D 209 -3.05 24.91 8.72
C GLN D 209 -2.01 25.68 9.52
N PHE D 210 -1.17 26.45 8.84
CA PHE D 210 -0.18 27.26 9.54
C PHE D 210 -0.96 28.53 9.93
N GLU D 211 -0.47 29.22 10.96
CA GLU D 211 -1.05 30.48 11.39
C GLU D 211 -0.29 31.58 10.67
N SER D 212 1.01 31.35 10.46
CA SER D 212 1.89 32.31 9.79
C SER D 212 2.55 31.63 8.62
N PRO D 213 2.06 31.90 7.41
CA PRO D 213 2.59 31.30 6.19
C PRO D 213 4.12 31.50 6.03
N VAL D 214 4.77 30.55 5.41
CA VAL D 214 6.20 30.64 5.21
C VAL D 214 6.50 30.72 3.71
N VAL D 215 7.36 31.67 3.35
CA VAL D 215 7.77 31.83 1.97
C VAL D 215 9.12 31.16 1.74
N LEU D 216 9.14 30.26 0.78
CA LEU D 216 10.35 29.55 0.42
C LEU D 216 10.67 29.84 -1.04
N ILE D 217 11.89 29.56 -1.45
CA ILE D 217 12.21 29.66 -2.84
C ILE D 217 12.39 28.17 -3.06
N ASN D 218 11.65 27.59 -3.99
CA ASN D 218 11.76 26.16 -4.18
C ASN D 218 12.89 25.69 -5.10
N ALA D 219 12.97 24.38 -5.28
CA ALA D 219 14.02 23.79 -6.10
C ALA D 219 14.00 24.28 -7.55
N GLN D 220 12.91 24.94 -7.98
CA GLN D 220 12.81 25.47 -9.35
C GLN D 220 13.11 26.96 -9.35
N ASN D 221 13.57 27.45 -8.20
CA ASN D 221 13.89 28.86 -8.06
C ASN D 221 12.71 29.79 -8.08
N GLN D 222 11.53 29.28 -7.74
CA GLN D 222 10.34 30.13 -7.67
C GLN D 222 9.98 30.40 -6.25
N ARG D 223 9.41 31.57 -5.99
CA ARG D 223 8.95 31.90 -4.67
C ARG D 223 7.62 31.14 -4.46
N VAL D 224 7.45 30.51 -3.30
CA VAL D 224 6.23 29.79 -2.98
C VAL D 224 5.81 30.00 -1.53
N THR D 225 4.51 30.15 -1.31
CA THR D 225 4.01 30.32 0.04
C THR D 225 3.51 29.00 0.61
N ILE D 226 4.08 28.61 1.74
CA ILE D 226 3.69 27.35 2.39
C ILE D 226 2.67 27.67 3.48
N THR D 227 1.49 27.05 3.40
CA THR D 227 0.43 27.31 4.38
C THR D 227 -0.15 26.09 5.11
N ASN D 228 0.29 24.88 4.78
CA ASN D 228 -0.27 23.70 5.44
C ASN D 228 0.71 22.52 5.37
N VAL D 229 0.43 21.49 6.17
CA VAL D 229 1.28 20.32 6.28
C VAL D 229 1.25 19.37 5.06
N ASP D 230 0.48 19.71 4.03
CA ASP D 230 0.49 18.86 2.85
C ASP D 230 1.58 19.32 1.87
N ALA D 231 2.30 20.39 2.22
CA ALA D 231 3.36 20.87 1.32
C ALA D 231 4.51 19.85 1.27
N GLY D 232 5.10 19.63 0.10
CA GLY D 232 6.20 18.67 0.01
C GLY D 232 7.30 18.94 1.01
N VAL D 233 7.51 20.22 1.38
CA VAL D 233 8.56 20.51 2.34
C VAL D 233 8.26 19.83 3.69
N VAL D 234 6.98 19.67 4.07
CA VAL D 234 6.72 18.98 5.32
C VAL D 234 6.44 17.46 5.17
N THR D 235 5.90 17.02 4.03
CA THR D 235 5.63 15.58 3.84
C THR D 235 6.89 14.78 3.47
N SER D 236 7.79 15.44 2.77
CA SER D 236 8.92 14.73 2.21
C SER D 236 10.26 15.46 2.25
N ASN D 237 10.51 16.23 3.31
CA ASN D 237 11.79 16.93 3.34
C ASN D 237 12.30 17.17 4.76
N ILE D 238 11.61 18.02 5.52
CA ILE D 238 12.04 18.36 6.88
C ILE D 238 12.09 17.08 7.67
N ALA D 239 13.10 16.95 8.53
CA ALA D 239 13.34 15.72 9.27
C ALA D 239 13.39 15.83 10.78
N LEU D 240 13.34 17.05 11.30
CA LEU D 240 13.37 17.29 12.74
C LEU D 240 12.57 18.56 13.01
N LEU D 241 11.82 18.55 14.12
CA LEU D 241 11.02 19.69 14.54
C LEU D 241 11.53 20.09 15.92
CA CA E . -35.36 -27.86 -20.38
CA CA F . -0.82 -6.74 -21.30
CA CA G . -22.18 2.25 23.91
CA CA H . 10.73 22.24 20.51
#